data_3MDV
#
_entry.id   3MDV
#
_cell.length_a   121.610
_cell.length_b   121.610
_cell.length_c   144.610
_cell.angle_alpha   90.000
_cell.angle_beta   90.000
_cell.angle_gamma   90.000
#
_symmetry.space_group_name_H-M   'I 41'
#
loop_
_entity.id
_entity.type
_entity.pdbx_description
1 polymer 'Cholesterol 24-hydroxylase'
2 non-polymer 'PROTOPORPHYRIN IX CONTAINING FE'
3 non-polymer 1-[(2-CHLOROPHENYL)(DIPHENYL)METHYL]-1H-IMIDAZOLE
4 water water
#
_entity_poly.entity_id   1
_entity_poly.type   'polypeptide(L)'
_entity_poly.pdbx_seq_one_letter_code
;MAKKDEVGGRVLQDVFLDWAKKYGPVVRVNVFHKTSVIVTSPESVKKFLMSTKYNKDSKMYRALQTVFGERLFGQGLVSE
CNYERWHKQRRVIDLAFSRSSLVSLMETFNEKAEQLVEILEAKADGQTPVSMQDMLTYTAMDILAKAAFGMETSMLLGAQ
KPLSQAVKLMLEGITASRNTLAKFLPGKRKQLREVRESIRFLRQVGRDWVQRRREALKRGEEVPADILTQILKAEEGAQD
DEGLLDNFVTFFIAGHETSANHLAFTVMELSRQPEIVARLQAEVDEVIGSKRYLDFEDLGRLQYLSQVLKESLRLYPPAW
GTFRLLEEETLIDGVRVPGNTPLLFSTYVMGRMDTYFEDPLTFNPDRFGPGAPKPRFTYFPFSLGHRSCIGQQFAQMEVK
VVMAKLLQRLEFRLVPGQRFGLQEQATLKPLDPVLCTLRPRGWQPAPPPPPCHHHH
;
_entity_poly.pdbx_strand_id   A,B
#
# COMPACT_ATOMS: atom_id res chain seq x y z
N VAL A 11 -0.19 22.63 -16.89
CA VAL A 11 -1.24 22.14 -15.94
C VAL A 11 -0.68 22.08 -14.53
N LEU A 12 -1.13 22.98 -13.66
CA LEU A 12 -0.56 23.10 -12.31
C LEU A 12 -0.39 21.77 -11.58
N GLN A 13 -1.44 20.96 -11.54
CA GLN A 13 -1.38 19.62 -10.94
C GLN A 13 -0.23 18.73 -11.47
N ASP A 14 0.09 18.84 -12.75
CA ASP A 14 1.21 18.08 -13.36
C ASP A 14 2.58 18.63 -12.93
N VAL A 15 2.63 19.90 -12.59
CA VAL A 15 3.83 20.48 -12.00
C VAL A 15 4.01 19.94 -10.59
N PHE A 16 2.92 19.82 -9.85
CA PHE A 16 3.01 19.29 -8.49
C PHE A 16 3.45 17.82 -8.51
N LEU A 17 3.00 17.09 -9.52
CA LEU A 17 3.34 15.70 -9.68
C LEU A 17 4.85 15.55 -9.80
N ASP A 18 5.44 16.35 -10.69
CA ASP A 18 6.87 16.38 -10.92
C ASP A 18 7.64 16.68 -9.62
N TRP A 19 7.19 17.70 -8.90
CA TRP A 19 7.84 18.07 -7.64
C TRP A 19 7.68 17.05 -6.55
N ALA A 20 6.54 16.36 -6.55
CA ALA A 20 6.29 15.28 -5.60
C ALA A 20 7.24 14.11 -5.81
N LYS A 21 7.57 13.81 -7.07
CA LYS A 21 8.38 12.63 -7.42
C LYS A 21 9.85 12.92 -7.23
N LYS A 22 10.23 14.18 -7.49
CA LYS A 22 11.61 14.62 -7.40
C LYS A 22 12.00 14.96 -5.96
N TYR A 23 11.12 15.66 -5.25
CA TYR A 23 11.47 16.27 -3.97
C TYR A 23 10.80 15.59 -2.78
N GLY A 24 10.07 14.50 -3.05
CA GLY A 24 9.60 13.61 -1.97
C GLY A 24 8.22 13.92 -1.46
N PRO A 25 7.86 13.33 -0.30
CA PRO A 25 6.47 13.34 0.17
C PRO A 25 5.98 14.61 0.86
N VAL A 26 6.82 15.64 0.91
CA VAL A 26 6.50 16.91 1.59
C VAL A 26 7.16 18.11 0.91
N VAL A 27 6.37 18.91 0.19
CA VAL A 27 6.91 19.95 -0.68
C VAL A 27 6.16 21.27 -0.55
N ARG A 28 6.90 22.34 -0.27
CA ARG A 28 6.31 23.68 -0.19
C ARG A 28 6.00 24.24 -1.58
N VAL A 29 4.78 24.77 -1.77
CA VAL A 29 4.37 25.29 -3.08
C VAL A 29 3.63 26.62 -2.99
N ASN A 30 3.44 27.26 -4.14
CA ASN A 30 2.50 28.36 -4.25
C ASN A 30 1.27 27.94 -5.07
N VAL A 31 0.12 27.91 -4.41
CA VAL A 31 -1.14 27.45 -5.01
C VAL A 31 -2.24 28.45 -4.63
N PHE A 32 -2.93 28.98 -5.64
CA PHE A 32 -3.98 30.00 -5.44
C PHE A 32 -3.49 31.22 -4.63
N HIS A 33 -2.23 31.60 -4.89
CA HIS A 33 -1.55 32.76 -4.24
C HIS A 33 -1.06 32.55 -2.83
N LYS A 34 -0.98 31.31 -2.37
CA LYS A 34 -0.56 31.06 -0.99
C LYS A 34 0.51 30.00 -0.85
N THR A 35 1.27 30.09 0.23
CA THR A 35 2.17 29.00 0.62
C THR A 35 1.31 27.88 1.16
N SER A 36 1.53 26.68 0.66
CA SER A 36 1.01 25.48 1.30
C SER A 36 2.06 24.40 1.17
N VAL A 37 1.79 23.24 1.76
CA VAL A 37 2.70 22.13 1.67
C VAL A 37 1.92 20.94 1.13
N ILE A 38 2.34 20.45 -0.04
CA ILE A 38 1.76 19.21 -0.59
C ILE A 38 2.32 17.95 0.07
N VAL A 39 1.39 17.14 0.55
CA VAL A 39 1.68 16.01 1.39
C VAL A 39 1.26 14.76 0.58
N THR A 40 2.20 13.88 0.25
CA THR A 40 1.85 12.74 -0.61
C THR A 40 2.18 11.30 -0.19
N SER A 41 2.46 11.06 1.10
CA SER A 41 2.53 9.67 1.57
C SER A 41 1.13 9.19 1.96
N PRO A 42 0.86 7.88 1.80
CA PRO A 42 -0.47 7.38 2.17
C PRO A 42 -0.73 7.51 3.66
N GLU A 43 0.32 7.45 4.47
CA GLU A 43 0.21 7.55 5.92
C GLU A 43 -0.20 8.94 6.33
N SER A 44 0.33 9.94 5.64
CA SER A 44 -0.03 11.33 5.87
C SER A 44 -1.47 11.60 5.43
N VAL A 45 -1.90 10.98 4.34
CA VAL A 45 -3.28 11.11 3.88
C VAL A 45 -4.22 10.49 4.92
N LYS A 46 -3.85 9.34 5.45
CA LYS A 46 -4.61 8.66 6.47
C LYS A 46 -4.67 9.53 7.72
N LYS A 47 -3.53 10.01 8.19
CA LYS A 47 -3.46 10.77 9.42
C LYS A 47 -4.38 11.96 9.38
N PHE A 48 -4.23 12.80 8.36
CA PHE A 48 -4.91 14.08 8.37
C PHE A 48 -6.39 14.06 7.89
N LEU A 49 -6.73 13.16 6.97
CA LEU A 49 -8.06 13.15 6.37
C LEU A 49 -9.03 12.25 7.13
N MET A 50 -8.50 11.27 7.85
CA MET A 50 -9.33 10.31 8.58
C MET A 50 -9.54 10.69 10.07
N SER A 51 -9.25 11.94 10.42
CA SER A 51 -9.49 12.42 11.78
C SER A 51 -10.23 13.74 11.74
N THR A 52 -11.30 13.82 12.53
CA THR A 52 -12.11 15.03 12.69
C THR A 52 -11.31 16.17 13.33
N LYS A 53 -10.13 15.82 13.84
CA LYS A 53 -9.14 16.77 14.35
C LYS A 53 -8.74 17.84 13.33
N TYR A 54 -8.60 17.41 12.09
CA TYR A 54 -8.12 18.30 11.07
C TYR A 54 -9.28 18.80 10.26
N ASN A 55 -9.24 20.08 9.95
CA ASN A 55 -10.34 20.68 9.27
C ASN A 55 -9.88 21.53 8.13
N LYS A 56 -10.80 21.85 7.23
CA LYS A 56 -10.48 22.62 6.05
C LYS A 56 -9.89 23.99 6.42
N ASP A 57 -9.01 24.50 5.57
CA ASP A 57 -8.43 25.80 5.82
C ASP A 57 -9.25 26.91 5.22
N SER A 58 -9.82 27.77 6.08
CA SER A 58 -10.65 28.88 5.61
C SER A 58 -9.88 29.80 4.66
N LYS A 59 -8.58 29.95 4.92
CA LYS A 59 -7.70 30.68 4.01
C LYS A 59 -7.79 30.19 2.56
N MET A 60 -7.92 28.89 2.35
CA MET A 60 -8.07 28.35 1.00
C MET A 60 -9.52 28.38 0.49
N TYR A 61 -10.47 28.33 1.42
CA TYR A 61 -11.87 28.21 1.04
C TYR A 61 -12.61 29.55 0.96
N ARG A 62 -11.98 30.61 1.51
CA ARG A 62 -12.48 31.98 1.41
C ARG A 62 -12.73 32.39 -0.05
N ALA A 63 -11.84 31.97 -0.94
CA ALA A 63 -11.98 32.28 -2.36
C ALA A 63 -13.34 31.89 -2.92
N LEU A 64 -13.88 30.77 -2.43
CA LEU A 64 -15.12 30.20 -2.92
C LEU A 64 -16.37 30.82 -2.25
N GLN A 65 -16.17 31.39 -1.08
CA GLN A 65 -17.23 32.06 -0.32
C GLN A 65 -17.77 33.31 -1.03
N THR A 66 -16.88 34.06 -1.68
CA THR A 66 -17.21 35.34 -2.35
C THR A 66 -16.27 35.51 -3.56
N VAL A 67 -16.83 35.86 -4.73
CA VAL A 67 -16.01 35.97 -5.95
C VAL A 67 -16.20 37.29 -6.68
N PHE A 68 -15.10 38.05 -6.78
CA PHE A 68 -15.10 39.40 -7.31
C PHE A 68 -16.12 40.23 -6.56
N GLY A 69 -16.12 40.10 -5.24
CA GLY A 69 -16.99 40.90 -4.38
C GLY A 69 -18.40 40.37 -4.22
N GLU A 70 -18.78 39.43 -5.07
CA GLU A 70 -20.15 38.91 -5.16
C GLU A 70 -20.27 37.58 -4.40
N ARG A 71 -21.21 37.50 -3.47
CA ARG A 71 -21.37 36.31 -2.62
C ARG A 71 -21.78 35.06 -3.43
N LEU A 72 -21.09 33.95 -3.23
CA LEU A 72 -21.32 32.75 -4.04
C LEU A 72 -21.74 31.53 -3.23
N PHE A 73 -20.79 30.77 -2.69
CA PHE A 73 -21.11 29.59 -1.91
C PHE A 73 -21.18 29.90 -0.42
N GLY A 74 -20.80 31.12 -0.06
CA GLY A 74 -20.84 31.55 1.33
C GLY A 74 -20.30 30.44 2.22
N GLN A 75 -21.03 30.17 3.30
CA GLN A 75 -20.66 29.12 4.25
C GLN A 75 -21.51 27.85 4.04
N GLY A 76 -21.75 27.50 2.78
CA GLY A 76 -22.44 26.27 2.43
C GLY A 76 -21.67 25.03 2.83
N LEU A 77 -22.21 23.87 2.49
CA LEU A 77 -21.73 22.60 3.01
C LEU A 77 -20.29 22.28 2.60
N VAL A 78 -19.89 22.72 1.40
CA VAL A 78 -18.52 22.53 0.95
C VAL A 78 -17.55 23.52 1.62
N SER A 79 -17.87 24.81 1.49
CA SER A 79 -17.00 25.93 1.85
C SER A 79 -16.95 26.27 3.34
N GLU A 80 -17.78 25.64 4.15
CA GLU A 80 -17.74 25.88 5.59
C GLU A 80 -16.65 25.03 6.23
N CYS A 81 -15.72 25.69 6.91
CA CYS A 81 -14.52 25.04 7.44
C CYS A 81 -14.57 24.78 8.96
N ASN A 82 -15.42 25.52 9.68
CA ASN A 82 -15.55 25.29 11.12
C ASN A 82 -16.31 24.00 11.35
N TYR A 83 -15.74 23.14 12.19
CA TYR A 83 -16.26 21.80 12.40
C TYR A 83 -17.69 21.77 12.90
N GLU A 84 -17.93 22.47 14.01
CA GLU A 84 -19.23 22.46 14.66
C GLU A 84 -20.32 22.98 13.71
N ARG A 85 -20.04 24.10 13.04
CA ARG A 85 -20.97 24.69 12.07
C ARG A 85 -21.25 23.80 10.86
N TRP A 86 -20.24 23.10 10.37
CA TRP A 86 -20.44 22.14 9.29
C TRP A 86 -21.16 20.86 9.76
N HIS A 87 -20.92 20.45 10.99
CA HIS A 87 -21.50 19.22 11.51
C HIS A 87 -23.03 19.36 11.68
N LYS A 88 -23.46 20.55 12.09
CA LYS A 88 -24.86 20.81 12.28
C LYS A 88 -25.62 20.73 10.93
N GLN A 89 -25.04 21.28 9.87
CA GLN A 89 -25.69 21.19 8.56
C GLN A 89 -25.58 19.81 7.91
N ARG A 90 -24.40 19.21 7.98
CA ARG A 90 -24.17 17.88 7.39
C ARG A 90 -25.13 16.81 7.88
N ARG A 91 -25.42 16.82 9.19
CA ARG A 91 -26.28 15.80 9.81
C ARG A 91 -27.75 15.88 9.44
N VAL A 92 -28.21 17.08 9.14
CA VAL A 92 -29.58 17.26 8.70
C VAL A 92 -29.70 16.97 7.21
N ILE A 93 -28.70 17.42 6.45
CA ILE A 93 -28.68 17.20 5.01
C ILE A 93 -28.37 15.73 4.65
N ASP A 94 -27.80 14.99 5.61
CA ASP A 94 -27.44 13.57 5.43
C ASP A 94 -28.67 12.72 5.13
N LEU A 95 -29.80 13.13 5.70
CA LEU A 95 -31.07 12.44 5.57
C LEU A 95 -31.51 12.34 4.12
N ALA A 96 -31.26 13.40 3.35
CA ALA A 96 -31.55 13.39 1.91
C ALA A 96 -30.66 12.42 1.11
N PHE A 97 -29.76 11.71 1.79
CA PHE A 97 -28.85 10.79 1.08
C PHE A 97 -28.89 9.36 1.59
N SER A 98 -29.93 9.02 2.33
CA SER A 98 -30.09 7.66 2.83
C SER A 98 -30.23 6.68 1.66
N ARG A 99 -29.98 5.40 1.95
CA ARG A 99 -30.21 4.35 0.95
C ARG A 99 -31.55 4.53 0.22
N SER A 100 -32.64 4.75 0.96
CA SER A 100 -33.97 4.79 0.38
C SER A 100 -34.31 6.13 -0.29
N SER A 101 -33.55 7.18 0.02
CA SER A 101 -33.72 8.46 -0.68
C SER A 101 -33.14 8.32 -2.07
N LEU A 102 -31.94 7.73 -2.15
CA LEU A 102 -31.23 7.59 -3.44
C LEU A 102 -31.93 6.58 -4.36
N VAL A 103 -32.45 5.52 -3.77
CA VAL A 103 -33.32 4.57 -4.50
C VAL A 103 -34.53 5.29 -5.13
N SER A 104 -35.03 6.31 -4.45
CA SER A 104 -36.20 7.07 -4.94
C SER A 104 -35.90 7.93 -6.18
N LEU A 105 -34.61 7.97 -6.57
CA LEU A 105 -34.13 8.84 -7.64
C LEU A 105 -33.88 8.09 -8.93
N MET A 106 -33.97 6.77 -8.86
CA MET A 106 -33.71 5.92 -10.02
C MET A 106 -34.57 6.31 -11.22
N GLU A 107 -35.72 6.90 -10.94
CA GLU A 107 -36.67 7.24 -11.99
C GLU A 107 -36.17 8.47 -12.73
N THR A 108 -35.81 9.50 -11.98
CA THR A 108 -35.17 10.70 -12.52
C THR A 108 -33.93 10.28 -13.32
N PHE A 109 -33.08 9.46 -12.72
CA PHE A 109 -31.86 8.99 -13.39
C PHE A 109 -32.17 8.29 -14.70
N ASN A 110 -33.15 7.38 -14.69
CA ASN A 110 -33.55 6.68 -15.93
C ASN A 110 -34.18 7.60 -16.97
N GLU A 111 -34.97 8.56 -16.52
CA GLU A 111 -35.71 9.46 -17.42
C GLU A 111 -34.72 10.33 -18.17
N LYS A 112 -33.81 10.96 -17.45
CA LYS A 112 -32.84 11.84 -18.09
C LYS A 112 -31.88 11.05 -18.98
N ALA A 113 -31.43 9.89 -18.51
CA ALA A 113 -30.52 9.07 -19.33
C ALA A 113 -31.18 8.68 -20.64
N GLU A 114 -32.43 8.20 -20.56
CA GLU A 114 -33.19 7.80 -21.76
C GLU A 114 -33.29 8.95 -22.74
N GLN A 115 -33.61 10.12 -22.21
CA GLN A 115 -33.76 11.29 -23.04
C GLN A 115 -32.46 11.70 -23.74
N LEU A 116 -31.35 11.64 -23.01
CA LEU A 116 -30.04 11.92 -23.59
C LEU A 116 -29.82 11.01 -24.77
N VAL A 117 -30.03 9.71 -24.56
CA VAL A 117 -29.73 8.71 -25.60
C VAL A 117 -30.55 8.92 -26.87
N GLU A 118 -31.84 9.20 -26.71
CA GLU A 118 -32.72 9.46 -27.87
C GLU A 118 -32.25 10.67 -28.67
N ILE A 119 -31.91 11.74 -27.97
CA ILE A 119 -31.33 12.93 -28.60
C ILE A 119 -30.03 12.63 -29.36
N LEU A 120 -29.18 11.78 -28.80
CA LEU A 120 -27.98 11.37 -29.51
C LEU A 120 -28.33 10.40 -30.65
N GLU A 121 -29.28 9.51 -30.41
CA GLU A 121 -29.75 8.58 -31.45
C GLU A 121 -30.31 9.30 -32.70
N ALA A 122 -30.92 10.47 -32.49
CA ALA A 122 -31.45 11.28 -33.60
C ALA A 122 -30.37 11.92 -34.46
N LYS A 123 -29.13 11.86 -33.97
CA LYS A 123 -27.97 12.47 -34.63
C LYS A 123 -26.95 11.42 -35.05
N ALA A 124 -27.32 10.16 -34.89
CA ALA A 124 -26.40 9.05 -35.00
C ALA A 124 -26.20 8.60 -36.46
N ASP A 125 -25.61 9.49 -37.27
CA ASP A 125 -25.37 9.19 -38.68
C ASP A 125 -23.90 9.05 -39.04
N GLY A 126 -23.04 9.16 -38.03
CA GLY A 126 -21.59 9.04 -38.22
C GLY A 126 -20.94 10.27 -38.85
N GLN A 127 -21.61 11.42 -38.72
CA GLN A 127 -21.19 12.61 -39.44
C GLN A 127 -21.53 13.91 -38.74
N THR A 128 -22.47 13.87 -37.80
CA THR A 128 -22.85 15.07 -37.05
C THR A 128 -21.97 15.17 -35.81
N PRO A 129 -21.11 16.19 -35.77
CA PRO A 129 -20.27 16.43 -34.62
C PRO A 129 -21.11 16.86 -33.42
N VAL A 130 -21.02 16.10 -32.33
CA VAL A 130 -21.72 16.43 -31.08
C VAL A 130 -20.70 16.56 -29.94
N SER A 131 -20.81 17.65 -29.17
CA SER A 131 -20.00 17.82 -27.98
C SER A 131 -20.56 16.99 -26.85
N MET A 132 -19.90 15.87 -26.59
CA MET A 132 -20.27 15.06 -25.43
C MET A 132 -20.09 15.80 -24.11
N GLN A 133 -19.11 16.70 -24.04
CA GLN A 133 -19.02 17.57 -22.85
C GLN A 133 -20.32 18.34 -22.56
N ASP A 134 -20.82 19.09 -23.54
CA ASP A 134 -22.05 19.87 -23.35
C ASP A 134 -23.26 18.97 -23.10
N MET A 135 -23.35 17.86 -23.84
CA MET A 135 -24.45 16.93 -23.68
C MET A 135 -24.52 16.36 -22.28
N LEU A 136 -23.34 15.98 -21.76
CA LEU A 136 -23.23 15.37 -20.45
C LEU A 136 -23.48 16.39 -19.36
N THR A 137 -23.01 17.61 -19.59
CA THR A 137 -23.32 18.73 -18.69
C THR A 137 -24.82 18.98 -18.56
N TYR A 138 -25.55 18.99 -19.69
CA TYR A 138 -27.00 19.24 -19.67
C TYR A 138 -27.71 18.13 -18.92
N THR A 139 -27.26 16.89 -19.16
CA THR A 139 -27.81 15.71 -18.54
C THR A 139 -27.67 15.77 -17.03
N ALA A 140 -26.47 16.07 -16.53
CA ALA A 140 -26.22 16.12 -15.09
C ALA A 140 -27.02 17.23 -14.44
N MET A 141 -27.03 18.39 -15.09
CA MET A 141 -27.81 19.53 -14.61
C MET A 141 -29.30 19.19 -14.51
N ASP A 142 -29.87 18.63 -15.57
CA ASP A 142 -31.30 18.21 -15.59
C ASP A 142 -31.60 17.22 -14.47
N ILE A 143 -30.74 16.22 -14.32
CA ILE A 143 -30.84 15.25 -13.23
C ILE A 143 -30.76 15.92 -11.87
N LEU A 144 -29.81 16.83 -11.69
CA LEU A 144 -29.64 17.43 -10.37
C LEU A 144 -30.91 18.22 -10.05
N ALA A 145 -31.28 19.14 -10.93
CA ALA A 145 -32.42 20.03 -10.76
C ALA A 145 -33.73 19.31 -10.37
N LYS A 146 -34.06 18.25 -11.09
CA LYS A 146 -35.20 17.42 -10.75
C LYS A 146 -34.97 16.70 -9.41
N ALA A 147 -33.85 16.00 -9.29
CA ALA A 147 -33.62 15.13 -8.13
C ALA A 147 -33.57 15.91 -6.83
N ALA A 148 -32.80 16.99 -6.81
CA ALA A 148 -32.59 17.78 -5.61
C ALA A 148 -33.67 18.82 -5.33
N PHE A 149 -34.21 19.42 -6.38
CA PHE A 149 -35.03 20.61 -6.25
C PHE A 149 -36.47 20.49 -6.76
N GLY A 150 -36.78 19.40 -7.46
CA GLY A 150 -38.11 19.19 -8.01
C GLY A 150 -38.41 20.11 -9.18
N MET A 151 -37.36 20.61 -9.83
CA MET A 151 -37.51 21.48 -10.99
C MET A 151 -36.99 20.82 -12.29
N GLU A 152 -37.55 21.26 -13.41
CA GLU A 152 -37.17 20.74 -14.72
C GLU A 152 -36.50 21.84 -15.52
N THR A 153 -35.21 21.70 -15.77
CA THR A 153 -34.47 22.71 -16.52
C THR A 153 -34.58 22.44 -18.02
N SER A 154 -34.58 21.15 -18.38
CA SER A 154 -34.76 20.71 -19.77
C SER A 154 -33.67 21.23 -20.72
N MET A 155 -32.47 21.45 -20.19
CA MET A 155 -31.34 21.88 -21.00
C MET A 155 -31.17 20.92 -22.16
N LEU A 156 -31.40 19.63 -21.92
CA LEU A 156 -31.41 18.63 -22.99
C LEU A 156 -32.37 18.97 -24.13
N LEU A 157 -33.43 19.69 -23.80
CA LEU A 157 -34.42 20.14 -24.78
C LEU A 157 -34.25 21.61 -25.17
N GLY A 158 -33.06 22.16 -24.90
CA GLY A 158 -32.66 23.45 -25.46
C GLY A 158 -33.15 24.62 -24.66
N ALA A 159 -33.73 24.32 -23.50
CA ALA A 159 -34.25 25.36 -22.64
C ALA A 159 -33.12 25.88 -21.76
N GLN A 160 -33.44 26.94 -21.01
CA GLN A 160 -32.55 27.51 -19.98
C GLN A 160 -31.16 27.83 -20.50
N LYS A 161 -31.09 28.40 -21.71
CA LYS A 161 -29.81 28.79 -22.30
C LYS A 161 -29.08 29.87 -21.48
N PRO A 162 -29.80 30.94 -21.08
CA PRO A 162 -29.20 31.92 -20.14
C PRO A 162 -28.68 31.32 -18.83
N LEU A 163 -29.35 30.30 -18.29
CA LEU A 163 -28.91 29.68 -17.03
C LEU A 163 -27.59 28.93 -17.19
N SER A 164 -27.43 28.24 -18.33
CA SER A 164 -26.19 27.52 -18.57
C SER A 164 -25.05 28.49 -18.95
N GLN A 165 -25.40 29.59 -19.61
CA GLN A 165 -24.44 30.65 -19.88
C GLN A 165 -23.93 31.23 -18.55
N ALA A 166 -24.85 31.48 -17.62
CA ALA A 166 -24.51 31.95 -16.26
C ALA A 166 -23.60 31.04 -15.44
N VAL A 167 -23.77 29.72 -15.57
CA VAL A 167 -22.94 28.74 -14.87
C VAL A 167 -21.55 28.75 -15.49
N LYS A 168 -21.53 28.80 -16.82
CA LYS A 168 -20.27 28.86 -17.57
C LYS A 168 -19.36 30.03 -17.19
N LEU A 169 -19.94 31.21 -16.94
CA LEU A 169 -19.14 32.40 -16.69
C LEU A 169 -18.71 32.44 -15.24
N MET A 170 -19.58 31.92 -14.38
CA MET A 170 -19.26 31.81 -12.98
C MET A 170 -17.99 30.94 -12.79
N LEU A 171 -17.94 29.80 -13.47
CA LEU A 171 -16.78 28.88 -13.39
C LEU A 171 -15.47 29.45 -13.98
N GLU A 172 -15.59 30.18 -15.08
CA GLU A 172 -14.50 30.99 -15.60
C GLU A 172 -14.09 32.06 -14.59
N GLY A 173 -15.08 32.58 -13.85
CA GLY A 173 -14.81 33.57 -12.81
C GLY A 173 -14.04 33.00 -11.63
N ILE A 174 -14.41 31.81 -11.18
CA ILE A 174 -13.71 31.12 -10.12
C ILE A 174 -12.23 31.06 -10.51
N THR A 175 -11.98 30.45 -11.66
CA THR A 175 -10.64 30.29 -12.23
C THR A 175 -9.79 31.56 -12.20
N ALA A 176 -10.31 32.63 -12.79
CA ALA A 176 -9.60 33.90 -12.93
C ALA A 176 -9.26 34.49 -11.56
N SER A 177 -10.18 34.34 -10.62
CA SER A 177 -10.08 34.97 -9.31
C SER A 177 -9.04 34.32 -8.39
N ARG A 178 -8.73 33.05 -8.62
CA ARG A 178 -7.76 32.36 -7.76
C ARG A 178 -6.46 31.98 -8.46
N ASN A 179 -6.37 32.27 -9.76
CA ASN A 179 -5.13 32.10 -10.53
C ASN A 179 -4.69 33.43 -11.18
N THR A 180 -4.16 34.33 -10.35
CA THR A 180 -3.79 35.71 -10.74
C THR A 180 -5.01 36.56 -11.07
N LYS A 188 -11.13 42.25 -19.65
CA LYS A 188 -11.06 41.72 -18.27
C LYS A 188 -12.08 42.40 -17.35
N ARG A 189 -12.56 43.58 -17.77
CA ARG A 189 -13.60 44.31 -17.02
C ARG A 189 -14.99 43.97 -17.58
N LYS A 190 -15.01 43.51 -18.84
CA LYS A 190 -16.20 42.91 -19.43
C LYS A 190 -16.50 41.62 -18.66
N GLN A 191 -15.50 40.74 -18.60
CA GLN A 191 -15.59 39.48 -17.87
C GLN A 191 -16.09 39.75 -16.45
N LEU A 192 -15.51 40.76 -15.82
CA LEU A 192 -15.75 41.01 -14.40
C LEU A 192 -17.22 41.25 -14.12
N ARG A 193 -17.90 41.93 -15.04
CA ARG A 193 -19.31 42.26 -14.88
C ARG A 193 -20.18 41.05 -15.22
N GLU A 194 -19.86 40.40 -16.34
CA GLU A 194 -20.48 39.13 -16.72
C GLU A 194 -20.48 38.14 -15.54
N VAL A 195 -19.33 38.03 -14.88
CA VAL A 195 -19.14 37.11 -13.77
C VAL A 195 -19.95 37.49 -12.54
N ARG A 196 -19.98 38.77 -12.22
CA ARG A 196 -20.80 39.25 -11.09
C ARG A 196 -22.29 39.07 -11.44
N GLU A 197 -22.65 39.41 -12.67
CA GLU A 197 -24.00 39.21 -13.19
C GLU A 197 -24.47 37.75 -13.08
N SER A 198 -23.58 36.83 -13.45
CA SER A 198 -23.88 35.41 -13.45
C SER A 198 -24.12 34.86 -12.04
N ILE A 199 -23.33 35.33 -11.08
CA ILE A 199 -23.44 34.86 -9.71
C ILE A 199 -24.76 35.30 -9.10
N ARG A 200 -25.13 36.56 -9.33
CA ARG A 200 -26.44 37.07 -8.93
C ARG A 200 -27.58 36.26 -9.59
N PHE A 201 -27.44 36.00 -10.88
CA PHE A 201 -28.41 35.18 -11.62
C PHE A 201 -28.62 33.85 -10.89
N LEU A 202 -27.53 33.15 -10.59
CA LEU A 202 -27.60 31.89 -9.86
C LEU A 202 -28.34 32.00 -8.55
N ARG A 203 -28.00 33.03 -7.77
CA ARG A 203 -28.69 33.24 -6.48
C ARG A 203 -30.16 33.61 -6.62
N GLN A 204 -30.52 34.26 -7.72
CA GLN A 204 -31.94 34.62 -7.96
C GLN A 204 -32.75 33.37 -8.33
N VAL A 205 -32.13 32.49 -9.12
CA VAL A 205 -32.73 31.21 -9.53
C VAL A 205 -33.10 30.43 -8.29
N GLY A 206 -32.20 30.42 -7.31
CA GLY A 206 -32.45 29.82 -6.01
C GLY A 206 -33.60 30.47 -5.25
N ARG A 207 -33.58 31.80 -5.16
CA ARG A 207 -34.64 32.55 -4.49
C ARG A 207 -35.99 32.12 -5.05
N ASP A 208 -36.07 32.08 -6.38
CA ASP A 208 -37.21 31.54 -7.11
C ASP A 208 -37.65 30.14 -6.68
N TRP A 209 -36.78 29.16 -6.86
CA TRP A 209 -37.12 27.77 -6.61
C TRP A 209 -37.39 27.56 -5.13
N VAL A 210 -36.95 28.50 -4.31
CA VAL A 210 -37.29 28.51 -2.90
C VAL A 210 -38.73 28.99 -2.69
N GLN A 211 -39.11 30.07 -3.39
CA GLN A 211 -40.51 30.54 -3.37
C GLN A 211 -41.43 29.41 -3.82
N ARG A 212 -41.08 28.77 -4.92
CA ARG A 212 -41.92 27.77 -5.55
C ARG A 212 -42.26 26.65 -4.58
N ARG A 213 -41.22 26.11 -3.94
CA ARG A 213 -41.36 25.12 -2.89
C ARG A 213 -42.24 25.58 -1.71
N ARG A 214 -42.01 26.80 -1.23
CA ARG A 214 -42.71 27.35 -0.07
C ARG A 214 -44.19 27.56 -0.39
N GLU A 215 -44.44 28.04 -1.60
CA GLU A 215 -45.75 28.30 -2.12
C GLU A 215 -46.56 26.99 -2.28
N ALA A 216 -45.88 25.89 -2.61
CA ALA A 216 -46.53 24.58 -2.69
C ALA A 216 -46.90 24.10 -1.29
N LEU A 217 -45.96 24.24 -0.35
CA LEU A 217 -46.19 23.87 1.04
C LEU A 217 -47.33 24.69 1.65
N LYS A 218 -47.30 26.01 1.43
CA LYS A 218 -48.33 26.93 1.93
C LYS A 218 -49.76 26.51 1.57
N ARG A 219 -50.03 26.22 0.30
CA ARG A 219 -51.34 25.70 -0.08
C ARG A 219 -51.59 24.24 0.32
N GLY A 220 -50.65 23.68 1.07
CA GLY A 220 -50.80 22.37 1.68
C GLY A 220 -50.66 21.20 0.74
N GLU A 221 -49.90 21.38 -0.35
CA GLU A 221 -49.56 20.26 -1.24
C GLU A 221 -48.55 19.37 -0.54
N GLU A 222 -48.45 18.12 -0.98
CA GLU A 222 -47.45 17.22 -0.42
C GLU A 222 -46.27 16.98 -1.33
N VAL A 223 -45.13 17.51 -0.90
CA VAL A 223 -43.88 17.45 -1.62
C VAL A 223 -42.97 16.34 -1.02
N PRO A 224 -42.69 15.31 -1.81
CA PRO A 224 -41.75 14.27 -1.41
C PRO A 224 -40.43 14.86 -0.93
N ALA A 225 -39.97 14.38 0.23
CA ALA A 225 -38.67 14.77 0.79
C ALA A 225 -37.58 14.67 -0.26
N ASP A 226 -36.77 15.72 -0.36
CA ASP A 226 -35.56 15.69 -1.22
C ASP A 226 -34.42 16.48 -0.61
N ILE A 227 -33.45 16.87 -1.43
CA ILE A 227 -32.31 17.67 -0.96
C ILE A 227 -32.78 19.07 -0.53
N LEU A 228 -33.60 19.71 -1.35
CA LEU A 228 -34.11 21.04 -1.01
C LEU A 228 -34.81 21.06 0.35
N THR A 229 -35.60 20.03 0.62
CA THR A 229 -36.28 19.93 1.92
C THR A 229 -35.26 20.07 3.04
N GLN A 230 -34.15 19.34 2.95
CA GLN A 230 -33.20 19.26 4.05
C GLN A 230 -32.38 20.53 4.25
N ILE A 231 -32.20 21.30 3.18
CA ILE A 231 -31.43 22.55 3.27
C ILE A 231 -32.28 23.76 3.70
N LEU A 232 -33.59 23.67 3.47
CA LEU A 232 -34.54 24.58 4.11
C LEU A 232 -34.54 24.26 5.60
N LYS A 233 -34.67 22.97 5.91
CA LYS A 233 -34.78 22.48 7.29
C LYS A 233 -33.58 22.86 8.11
N ALA A 234 -32.39 22.73 7.53
CA ALA A 234 -31.15 23.17 8.14
C ALA A 234 -31.11 24.68 8.36
N GLU A 235 -31.87 25.43 7.57
CA GLU A 235 -31.91 26.90 7.71
C GLU A 235 -33.02 27.45 8.60
N GLU A 236 -33.76 26.55 9.25
CA GLU A 236 -34.89 26.92 10.09
C GLU A 236 -34.44 27.62 11.38
N GLY A 237 -34.90 28.86 11.56
CA GLY A 237 -34.55 29.64 12.74
C GLY A 237 -33.47 30.69 12.48
N ALA A 238 -33.38 31.14 11.23
CA ALA A 238 -32.39 32.15 10.82
C ALA A 238 -33.08 33.40 10.28
N GLN A 239 -32.46 34.57 10.51
CA GLN A 239 -33.09 35.86 10.17
C GLN A 239 -33.29 36.14 8.69
N ASP A 240 -32.55 35.43 7.85
CA ASP A 240 -32.68 35.61 6.40
C ASP A 240 -32.38 34.32 5.61
N ASP A 241 -32.43 34.44 4.29
CA ASP A 241 -32.29 33.27 3.42
C ASP A 241 -30.91 33.14 2.76
N GLU A 242 -29.94 33.92 3.22
CA GLU A 242 -28.63 33.96 2.56
C GLU A 242 -27.81 32.67 2.77
N GLY A 243 -27.99 32.03 3.92
CA GLY A 243 -27.38 30.74 4.20
C GLY A 243 -28.04 29.67 3.36
N LEU A 244 -29.34 29.83 3.16
CA LEU A 244 -30.12 28.95 2.34
C LEU A 244 -29.63 29.00 0.91
N LEU A 245 -29.42 30.20 0.39
CA LEU A 245 -28.98 30.36 -1.00
C LEU A 245 -27.52 29.87 -1.22
N ASP A 246 -26.63 30.18 -0.28
CA ASP A 246 -25.29 29.59 -0.24
C ASP A 246 -25.37 28.10 -0.51
N ASN A 247 -26.18 27.41 0.27
CA ASN A 247 -26.43 25.97 0.10
C ASN A 247 -27.15 25.58 -1.15
N PHE A 248 -28.06 26.44 -1.62
CA PHE A 248 -28.71 26.17 -2.92
C PHE A 248 -27.70 26.25 -4.06
N VAL A 249 -26.87 27.30 -4.07
CA VAL A 249 -25.87 27.44 -5.14
C VAL A 249 -24.82 26.30 -5.03
N THR A 250 -24.44 25.97 -3.80
CA THR A 250 -23.47 24.90 -3.52
C THR A 250 -23.86 23.58 -4.18
N PHE A 251 -25.03 23.05 -3.81
CA PHE A 251 -25.56 21.81 -4.42
C PHE A 251 -25.88 21.95 -5.89
N PHE A 252 -26.43 23.10 -6.27
CA PHE A 252 -26.65 23.36 -7.67
C PHE A 252 -25.37 23.03 -8.46
N ILE A 253 -24.23 23.54 -7.99
CA ILE A 253 -22.96 23.34 -8.69
C ILE A 253 -22.28 21.99 -8.36
N ALA A 254 -22.09 21.70 -7.08
CA ALA A 254 -21.43 20.45 -6.69
C ALA A 254 -22.18 19.25 -7.17
N GLY A 255 -23.50 19.38 -7.28
CA GLY A 255 -24.34 18.24 -7.65
C GLY A 255 -24.40 17.96 -9.13
N HIS A 256 -23.76 18.79 -9.96
CA HIS A 256 -23.69 18.50 -11.40
C HIS A 256 -22.32 18.66 -12.14
N GLU A 257 -21.48 19.59 -11.70
CA GLU A 257 -20.29 19.88 -12.52
C GLU A 257 -19.27 18.74 -12.52
N THR A 258 -19.01 18.19 -11.35
CA THR A 258 -18.02 17.12 -11.16
C THR A 258 -18.52 15.79 -11.79
N SER A 259 -19.84 15.55 -11.74
CA SER A 259 -20.44 14.38 -12.41
C SER A 259 -20.27 14.49 -13.92
N ALA A 260 -20.53 15.68 -14.45
CA ALA A 260 -20.36 15.94 -15.88
C ALA A 260 -18.91 15.84 -16.28
N ASN A 261 -18.00 16.48 -15.55
CA ASN A 261 -16.56 16.30 -15.88
C ASN A 261 -16.21 14.82 -15.99
N HIS A 262 -16.65 14.02 -15.02
CA HIS A 262 -16.30 12.61 -14.88
C HIS A 262 -16.93 11.80 -16.01
N LEU A 263 -18.18 12.15 -16.37
CA LEU A 263 -18.80 11.53 -17.51
C LEU A 263 -18.03 11.88 -18.77
N ALA A 264 -17.60 13.14 -18.90
CA ALA A 264 -16.89 13.59 -20.11
C ALA A 264 -15.52 12.93 -20.26
N PHE A 265 -14.78 12.83 -19.16
CA PHE A 265 -13.51 12.10 -19.18
C PHE A 265 -13.67 10.63 -19.53
N THR A 266 -14.74 10.02 -19.00
CA THR A 266 -14.92 8.57 -19.20
C THR A 266 -15.15 8.27 -20.66
N VAL A 267 -16.10 8.99 -21.25
CA VAL A 267 -16.40 8.92 -22.69
C VAL A 267 -15.18 9.27 -23.57
N MET A 268 -14.43 10.31 -23.20
CA MET A 268 -13.24 10.71 -23.96
C MET A 268 -12.20 9.56 -23.99
N GLU A 269 -11.90 9.00 -22.82
CA GLU A 269 -10.94 7.92 -22.74
C GLU A 269 -11.40 6.63 -23.48
N LEU A 270 -12.64 6.24 -23.29
CA LEU A 270 -13.17 5.04 -23.93
C LEU A 270 -13.10 5.04 -25.47
N SER A 271 -13.15 6.23 -26.08
CA SER A 271 -13.02 6.37 -27.54
C SER A 271 -11.70 5.85 -28.13
N ARG A 272 -10.70 5.62 -27.26
CA ARG A 272 -9.44 5.02 -27.72
C ARG A 272 -9.17 3.70 -27.00
N GLN A 273 -10.23 3.15 -26.40
CA GLN A 273 -10.14 1.91 -25.63
C GLN A 273 -11.10 0.81 -26.11
N PRO A 274 -10.91 0.30 -27.33
CA PRO A 274 -11.85 -0.64 -27.96
C PRO A 274 -12.04 -1.99 -27.23
N GLU A 275 -10.97 -2.60 -26.77
CA GLU A 275 -11.09 -3.89 -26.08
C GLU A 275 -12.00 -3.70 -24.89
N ILE A 276 -11.77 -2.61 -24.16
CA ILE A 276 -12.45 -2.32 -22.91
C ILE A 276 -13.93 -2.03 -23.17
N VAL A 277 -14.20 -1.31 -24.24
CA VAL A 277 -15.58 -1.01 -24.66
C VAL A 277 -16.34 -2.30 -25.01
N ALA A 278 -15.70 -3.19 -25.77
CA ALA A 278 -16.31 -4.49 -26.12
C ALA A 278 -16.79 -5.22 -24.86
N ARG A 279 -15.88 -5.29 -23.89
CA ARG A 279 -16.14 -5.94 -22.61
C ARG A 279 -17.22 -5.21 -21.83
N LEU A 280 -17.26 -3.89 -21.97
CA LEU A 280 -18.34 -3.09 -21.37
C LEU A 280 -19.68 -3.41 -22.06
N GLN A 281 -19.65 -3.46 -23.39
CA GLN A 281 -20.83 -3.84 -24.17
C GLN A 281 -21.32 -5.24 -23.83
N ALA A 282 -20.40 -6.20 -23.75
CA ALA A 282 -20.74 -7.58 -23.38
C ALA A 282 -21.40 -7.65 -22.00
N GLU A 283 -20.81 -6.96 -21.01
CA GLU A 283 -21.40 -6.92 -19.66
C GLU A 283 -22.81 -6.36 -19.64
N VAL A 284 -22.96 -5.15 -20.18
CA VAL A 284 -24.29 -4.56 -20.39
C VAL A 284 -25.25 -5.56 -21.08
N ASP A 285 -24.77 -6.23 -22.12
CA ASP A 285 -25.57 -7.25 -22.80
C ASP A 285 -25.95 -8.46 -21.93
N GLU A 286 -25.07 -8.85 -21.02
CA GLU A 286 -25.37 -9.96 -20.11
C GLU A 286 -26.32 -9.61 -18.96
N VAL A 287 -26.09 -8.47 -18.31
CA VAL A 287 -26.86 -8.17 -17.08
C VAL A 287 -28.12 -7.36 -17.30
N ILE A 288 -28.17 -6.57 -18.36
CA ILE A 288 -29.41 -5.84 -18.67
C ILE A 288 -29.96 -6.12 -20.06
N GLY A 289 -29.11 -6.65 -20.95
CA GLY A 289 -29.49 -6.85 -22.35
C GLY A 289 -29.99 -5.56 -22.97
N SER A 290 -31.17 -5.62 -23.59
CA SER A 290 -31.77 -4.41 -24.16
C SER A 290 -32.93 -3.88 -23.30
N LYS A 291 -32.95 -4.24 -22.03
CA LYS A 291 -33.96 -3.68 -21.11
C LYS A 291 -33.82 -2.15 -21.05
N ARG A 292 -34.95 -1.47 -20.92
CA ARG A 292 -35.06 -0.03 -21.05
C ARG A 292 -34.80 0.70 -19.73
N TYR A 293 -35.38 0.19 -18.65
CA TYR A 293 -35.31 0.80 -17.34
C TYR A 293 -34.33 -0.01 -16.47
N LEU A 294 -33.38 0.67 -15.83
CA LEU A 294 -32.43 0.00 -14.93
C LEU A 294 -32.89 0.11 -13.48
N ASP A 295 -33.21 -1.03 -12.87
CA ASP A 295 -33.56 -1.07 -11.45
C ASP A 295 -32.31 -0.78 -10.60
N PHE A 296 -32.50 -0.54 -9.30
CA PHE A 296 -31.38 -0.33 -8.38
C PHE A 296 -30.46 -1.54 -8.42
N GLU A 297 -31.03 -2.72 -8.21
CA GLU A 297 -30.23 -3.93 -8.12
C GLU A 297 -29.42 -4.26 -9.39
N ASP A 298 -29.76 -3.64 -10.51
CA ASP A 298 -29.02 -3.86 -11.75
C ASP A 298 -27.65 -3.17 -11.78
N LEU A 299 -27.54 -2.04 -11.08
CA LEU A 299 -26.30 -1.27 -10.99
C LEU A 299 -25.25 -2.07 -10.24
N GLY A 300 -25.67 -2.65 -9.13
CA GLY A 300 -24.78 -3.44 -8.28
C GLY A 300 -23.98 -4.42 -9.13
N ARG A 301 -24.62 -4.97 -10.17
CA ARG A 301 -24.05 -6.05 -11.00
C ARG A 301 -23.18 -5.58 -12.19
N LEU A 302 -23.24 -4.28 -12.50
CA LEU A 302 -22.35 -3.69 -13.51
C LEU A 302 -20.90 -3.53 -12.97
N GLN A 303 -20.31 -4.66 -12.59
CA GLN A 303 -19.02 -4.74 -11.90
C GLN A 303 -17.87 -4.18 -12.73
N TYR A 304 -17.81 -4.53 -14.00
CA TYR A 304 -16.72 -4.09 -14.87
C TYR A 304 -16.82 -2.61 -15.20
N LEU A 305 -18.05 -2.14 -15.45
CA LEU A 305 -18.32 -0.71 -15.61
C LEU A 305 -17.84 0.06 -14.36
N SER A 306 -18.14 -0.50 -13.19
CA SER A 306 -17.74 0.08 -11.92
C SER A 306 -16.22 0.30 -11.87
N GLN A 307 -15.46 -0.68 -12.36
CA GLN A 307 -13.99 -0.62 -12.40
C GLN A 307 -13.46 0.43 -13.37
N VAL A 308 -14.08 0.50 -14.55
CA VAL A 308 -13.77 1.50 -15.57
C VAL A 308 -13.94 2.92 -14.97
N LEU A 309 -14.96 3.08 -14.14
CA LEU A 309 -15.32 4.37 -13.61
C LEU A 309 -14.35 4.75 -12.50
N LYS A 310 -14.07 3.79 -11.61
CA LYS A 310 -12.98 3.95 -10.64
C LYS A 310 -11.64 4.28 -11.32
N GLU A 311 -11.36 3.61 -12.42
CA GLU A 311 -10.14 3.88 -13.16
C GLU A 311 -10.17 5.24 -13.85
N SER A 312 -11.33 5.69 -14.29
CA SER A 312 -11.45 7.02 -14.89
C SER A 312 -11.14 8.09 -13.84
N LEU A 313 -11.63 7.89 -12.63
CA LEU A 313 -11.41 8.84 -11.56
C LEU A 313 -9.93 8.87 -11.06
N ARG A 314 -9.19 7.78 -11.20
CA ARG A 314 -7.80 7.73 -10.74
C ARG A 314 -6.96 8.67 -11.58
N LEU A 315 -7.10 8.54 -12.90
CA LEU A 315 -6.37 9.37 -13.87
C LEU A 315 -6.94 10.74 -14.08
N TYR A 316 -8.27 10.86 -13.96
CA TYR A 316 -8.97 12.11 -14.22
C TYR A 316 -9.94 12.48 -13.11
N PRO A 317 -9.44 12.79 -11.91
CA PRO A 317 -10.32 13.24 -10.85
C PRO A 317 -10.71 14.68 -11.10
N PRO A 318 -12.01 14.96 -11.25
CA PRO A 318 -12.49 16.32 -11.46
C PRO A 318 -12.11 17.23 -10.31
N ALA A 319 -12.25 16.72 -9.10
CA ALA A 319 -11.86 17.46 -7.91
C ALA A 319 -10.55 16.85 -7.47
N TRP A 320 -9.47 17.54 -7.77
CA TRP A 320 -8.16 16.96 -7.62
C TRP A 320 -7.71 16.77 -6.18
N GLY A 321 -8.31 17.51 -5.25
CA GLY A 321 -7.88 17.37 -3.87
C GLY A 321 -8.55 18.31 -2.91
N THR A 322 -7.91 18.50 -1.76
CA THR A 322 -8.47 19.22 -0.64
C THR A 322 -7.33 19.81 0.25
N PHE A 323 -7.70 20.72 1.14
CA PHE A 323 -6.77 21.34 2.08
C PHE A 323 -7.23 21.11 3.49
N ARG A 324 -6.29 20.81 4.38
CA ARG A 324 -6.55 20.82 5.82
C ARG A 324 -5.61 21.87 6.46
N LEU A 325 -6.07 22.52 7.54
CA LEU A 325 -5.25 23.48 8.25
C LEU A 325 -4.42 22.72 9.24
N LEU A 326 -3.10 22.81 9.10
CA LEU A 326 -2.21 22.31 10.13
C LEU A 326 -2.03 23.44 11.15
N GLU A 327 -2.59 23.27 12.34
CA GLU A 327 -2.62 24.37 13.32
C GLU A 327 -1.30 24.59 14.05
N GLU A 328 -0.53 23.52 14.26
CA GLU A 328 0.75 23.61 14.99
C GLU A 328 1.85 22.88 14.27
N GLU A 329 3.08 23.42 14.39
CA GLU A 329 4.30 22.76 13.88
C GLU A 329 4.24 21.27 14.14
N THR A 330 4.50 20.49 13.10
CA THR A 330 4.39 19.05 13.18
C THR A 330 5.49 18.46 12.29
N LEU A 331 5.90 17.24 12.60
CA LEU A 331 6.88 16.50 11.80
C LEU A 331 6.09 15.60 10.86
N ILE A 332 6.11 15.92 9.58
CA ILE A 332 5.47 15.06 8.60
C ILE A 332 6.54 14.45 7.72
N ASP A 333 6.69 13.13 7.82
CA ASP A 333 7.63 12.37 6.99
C ASP A 333 9.05 12.92 7.12
N GLY A 334 9.43 13.24 8.35
CA GLY A 334 10.77 13.70 8.66
C GLY A 334 11.05 15.12 8.19
N VAL A 335 9.99 15.91 8.05
CA VAL A 335 10.09 17.33 7.70
C VAL A 335 9.24 18.13 8.69
N ARG A 336 9.88 19.09 9.33
CA ARG A 336 9.20 20.03 10.20
C ARG A 336 8.38 20.91 9.30
N VAL A 337 7.09 21.03 9.62
CA VAL A 337 6.21 21.92 8.89
C VAL A 337 5.67 22.95 9.90
N PRO A 338 5.86 24.25 9.61
CA PRO A 338 5.44 25.34 10.50
C PRO A 338 3.93 25.26 10.81
N GLY A 339 3.54 25.79 11.96
CA GLY A 339 2.13 25.82 12.36
C GLY A 339 1.42 26.76 11.43
N ASN A 340 0.10 26.68 11.37
CA ASN A 340 -0.70 27.59 10.54
C ASN A 340 -0.39 27.39 9.07
N THR A 341 -0.16 26.14 8.68
CA THR A 341 0.19 25.80 7.31
C THR A 341 -0.98 25.07 6.67
N PRO A 342 -1.41 25.54 5.51
CA PRO A 342 -2.39 24.80 4.69
C PRO A 342 -1.73 23.55 4.05
N LEU A 343 -2.24 22.36 4.37
CA LEU A 343 -1.73 21.13 3.77
C LEU A 343 -2.52 20.77 2.52
N LEU A 344 -1.80 20.50 1.43
CA LEU A 344 -2.45 20.16 0.16
C LEU A 344 -2.38 18.67 -0.08
N PHE A 345 -3.54 18.08 -0.35
CA PHE A 345 -3.65 16.66 -0.68
C PHE A 345 -4.17 16.53 -2.11
N SER A 346 -3.59 15.63 -2.89
CA SER A 346 -3.95 15.46 -4.29
C SER A 346 -4.06 14.01 -4.68
N THR A 347 -5.28 13.59 -5.02
CA THR A 347 -5.52 12.24 -5.53
C THR A 347 -5.04 12.16 -6.99
N TYR A 348 -5.06 13.31 -7.67
CA TYR A 348 -4.51 13.42 -9.00
C TYR A 348 -3.03 13.07 -8.96
N VAL A 349 -2.29 13.66 -8.03
CA VAL A 349 -0.86 13.44 -7.97
C VAL A 349 -0.52 12.01 -7.60
N MET A 350 -1.17 11.49 -6.56
CA MET A 350 -0.83 10.16 -6.06
C MET A 350 -1.26 9.07 -7.03
N GLY A 351 -2.35 9.33 -7.75
CA GLY A 351 -2.80 8.47 -8.84
C GLY A 351 -1.79 8.33 -9.95
N ARG A 352 -0.91 9.32 -10.11
CA ARG A 352 0.07 9.29 -11.22
C ARG A 352 1.52 8.93 -10.82
N MET A 353 1.72 8.50 -9.56
CA MET A 353 3.05 8.16 -9.08
C MET A 353 3.27 6.66 -9.20
N ASP A 354 4.33 6.27 -9.92
CA ASP A 354 4.63 4.84 -10.12
C ASP A 354 4.90 4.07 -8.84
N THR A 355 5.14 4.78 -7.75
CA THR A 355 5.39 4.17 -6.45
C THR A 355 4.10 3.65 -5.79
N TYR A 356 2.95 4.18 -6.24
CA TYR A 356 1.64 3.73 -5.76
C TYR A 356 0.88 2.95 -6.81
N PHE A 357 1.17 3.20 -8.08
CA PHE A 357 0.47 2.54 -9.18
C PHE A 357 1.43 2.09 -10.25
N GLU A 358 1.44 0.78 -10.51
CA GLU A 358 2.30 0.22 -11.55
C GLU A 358 1.83 0.75 -12.89
N ASP A 359 2.78 1.28 -13.66
CA ASP A 359 2.52 1.83 -14.99
C ASP A 359 1.43 2.91 -14.95
N PRO A 360 1.71 4.03 -14.25
CA PRO A 360 0.60 4.89 -13.79
C PRO A 360 -0.23 5.50 -14.92
N LEU A 361 0.38 5.69 -16.08
CA LEU A 361 -0.29 6.36 -17.20
C LEU A 361 -1.20 5.46 -18.04
N THR A 362 -1.15 4.15 -17.78
CA THR A 362 -1.97 3.18 -18.50
C THR A 362 -3.33 3.09 -17.88
N PHE A 363 -4.35 3.32 -18.70
CA PHE A 363 -5.73 3.18 -18.27
C PHE A 363 -6.01 1.69 -18.22
N ASN A 364 -6.09 1.13 -17.02
CA ASN A 364 -6.26 -0.30 -16.83
C ASN A 364 -7.25 -0.62 -15.71
N PRO A 365 -8.52 -0.86 -16.05
CA PRO A 365 -9.60 -1.13 -15.09
C PRO A 365 -9.43 -2.42 -14.30
N ASP A 366 -8.62 -3.33 -14.83
CA ASP A 366 -8.23 -4.55 -14.10
C ASP A 366 -7.59 -4.28 -12.71
N ARG A 367 -7.09 -3.06 -12.49
CA ARG A 367 -6.51 -2.67 -11.17
C ARG A 367 -7.54 -2.68 -10.09
N PHE A 368 -8.82 -2.56 -10.47
CA PHE A 368 -9.92 -2.51 -9.52
C PHE A 368 -10.74 -3.80 -9.57
N GLY A 369 -10.21 -4.80 -10.26
CA GLY A 369 -10.86 -6.10 -10.36
C GLY A 369 -11.10 -6.78 -9.02
N PRO A 370 -12.01 -7.77 -9.00
CA PRO A 370 -12.23 -8.57 -7.79
C PRO A 370 -10.94 -9.31 -7.43
N GLY A 371 -10.55 -9.26 -6.17
CA GLY A 371 -9.32 -9.91 -5.72
C GLY A 371 -8.16 -8.95 -5.51
N ALA A 372 -8.12 -7.87 -6.29
CA ALA A 372 -7.04 -6.88 -6.17
C ALA A 372 -7.16 -6.06 -4.89
N PRO A 373 -6.07 -5.98 -4.11
CA PRO A 373 -6.09 -5.16 -2.88
C PRO A 373 -6.55 -3.74 -3.19
N LYS A 374 -7.45 -3.21 -2.36
CA LYS A 374 -7.96 -1.86 -2.56
C LYS A 374 -6.79 -0.89 -2.37
N PRO A 375 -6.82 0.25 -3.07
CA PRO A 375 -5.75 1.22 -2.84
C PRO A 375 -5.80 1.71 -1.41
N ARG A 376 -4.63 1.85 -0.79
CA ARG A 376 -4.55 2.19 0.61
C ARG A 376 -4.11 3.63 0.80
N PHE A 377 -5.08 4.54 0.78
CA PHE A 377 -4.86 5.99 0.95
C PHE A 377 -4.06 6.62 -0.18
N THR A 378 -4.11 5.99 -1.35
CA THR A 378 -3.49 6.54 -2.52
C THR A 378 -4.52 7.00 -3.56
N TYR A 379 -5.80 6.89 -3.21
CA TYR A 379 -6.88 7.08 -4.16
C TYR A 379 -8.12 7.63 -3.47
N PHE A 380 -8.42 8.90 -3.71
CA PHE A 380 -9.58 9.50 -3.04
C PHE A 380 -10.33 10.51 -3.89
N PRO A 381 -10.94 10.06 -4.99
CA PRO A 381 -11.61 10.99 -5.89
C PRO A 381 -12.86 11.67 -5.27
N PHE A 382 -13.38 11.09 -4.19
CA PHE A 382 -14.46 11.70 -3.44
C PHE A 382 -13.97 12.16 -2.10
N SER A 383 -12.64 12.27 -1.96
CA SER A 383 -11.99 12.66 -0.69
C SER A 383 -12.21 11.59 0.37
N LEU A 384 -11.83 11.86 1.62
CA LEU A 384 -11.89 10.86 2.70
C LEU A 384 -12.29 11.45 4.07
N GLY A 385 -12.72 10.59 4.99
CA GLY A 385 -13.08 11.02 6.34
C GLY A 385 -14.32 11.90 6.35
N HIS A 386 -14.42 12.78 7.34
CA HIS A 386 -15.69 13.45 7.62
C HIS A 386 -16.07 14.44 6.53
N ARG A 387 -15.08 15.00 5.86
CA ARG A 387 -15.34 15.98 4.82
C ARG A 387 -15.41 15.39 3.38
N SER A 388 -15.46 14.06 3.26
CA SER A 388 -15.74 13.42 1.96
C SER A 388 -17.10 13.79 1.34
N CYS A 389 -17.22 13.50 0.04
CA CYS A 389 -18.36 13.90 -0.75
C CYS A 389 -19.66 13.28 -0.21
N ILE A 390 -20.60 14.14 0.17
CA ILE A 390 -21.91 13.67 0.63
C ILE A 390 -22.63 12.98 -0.49
N GLY A 391 -22.30 13.38 -1.71
CA GLY A 391 -22.99 12.93 -2.92
C GLY A 391 -22.40 11.74 -3.64
N GLN A 392 -21.33 11.18 -3.08
CA GLN A 392 -20.67 10.01 -3.67
C GLN A 392 -21.66 9.00 -4.24
N GLN A 393 -22.40 8.31 -3.37
CA GLN A 393 -23.34 7.26 -3.84
C GLN A 393 -24.33 7.79 -4.88
N PHE A 394 -24.79 9.03 -4.68
CA PHE A 394 -25.67 9.72 -5.65
C PHE A 394 -25.01 9.75 -7.03
N ALA A 395 -23.77 10.21 -7.08
CA ALA A 395 -22.97 10.34 -8.30
C ALA A 395 -22.72 9.00 -8.98
N GLN A 396 -22.24 8.04 -8.19
CA GLN A 396 -21.93 6.71 -8.70
C GLN A 396 -23.14 6.07 -9.39
N MET A 397 -24.34 6.33 -8.84
CA MET A 397 -25.58 5.78 -9.40
C MET A 397 -25.90 6.45 -10.71
N GLU A 398 -25.94 7.77 -10.72
CA GLU A 398 -26.28 8.51 -11.95
C GLU A 398 -25.31 8.21 -13.09
N VAL A 399 -24.02 8.17 -12.82
CA VAL A 399 -23.08 7.98 -13.93
C VAL A 399 -23.20 6.56 -14.48
N LYS A 400 -23.39 5.57 -13.59
CA LYS A 400 -23.64 4.19 -14.03
C LYS A 400 -24.86 4.12 -14.92
N VAL A 401 -25.97 4.70 -14.48
CA VAL A 401 -27.18 4.76 -15.32
C VAL A 401 -26.94 5.39 -16.69
N VAL A 402 -26.35 6.59 -16.71
CA VAL A 402 -25.99 7.23 -17.97
C VAL A 402 -25.03 6.42 -18.83
N MET A 403 -23.96 5.92 -18.22
CA MET A 403 -22.98 5.14 -18.98
C MET A 403 -23.55 3.82 -19.51
N ALA A 404 -24.29 3.10 -18.68
CA ALA A 404 -24.94 1.87 -19.11
C ALA A 404 -25.83 2.11 -20.35
N LYS A 405 -26.70 3.13 -20.28
CA LYS A 405 -27.56 3.45 -21.42
C LYS A 405 -26.81 3.73 -22.73
N LEU A 406 -25.73 4.50 -22.63
CA LEU A 406 -24.93 4.85 -23.80
C LEU A 406 -24.25 3.59 -24.35
N LEU A 407 -23.83 2.71 -23.45
CA LEU A 407 -23.16 1.47 -23.85
C LEU A 407 -24.10 0.48 -24.53
N GLN A 408 -25.37 0.49 -24.14
CA GLN A 408 -26.42 -0.32 -24.79
C GLN A 408 -26.67 0.02 -26.26
N ARG A 409 -26.58 1.30 -26.61
CA ARG A 409 -27.27 1.83 -27.81
C ARG A 409 -26.40 2.56 -28.79
N LEU A 410 -25.33 3.18 -28.27
CA LEU A 410 -24.52 4.07 -29.08
C LEU A 410 -23.05 3.66 -29.12
N GLU A 411 -22.45 3.87 -30.30
CA GLU A 411 -20.99 3.81 -30.45
C GLU A 411 -20.48 5.21 -30.80
N PHE A 412 -19.34 5.57 -30.23
CA PHE A 412 -18.78 6.91 -30.35
C PHE A 412 -17.48 6.90 -31.12
N ARG A 413 -17.22 8.00 -31.82
CA ARG A 413 -15.96 8.16 -32.51
C ARG A 413 -15.49 9.58 -32.31
N LEU A 414 -14.34 9.74 -31.68
CA LEU A 414 -13.77 11.06 -31.46
C LEU A 414 -13.48 11.75 -32.80
N VAL A 415 -13.86 13.01 -32.92
CA VAL A 415 -13.60 13.78 -34.13
C VAL A 415 -12.09 14.06 -34.27
N PRO A 416 -11.51 13.71 -35.43
CA PRO A 416 -10.08 13.94 -35.66
C PRO A 416 -9.65 15.35 -35.20
N GLY A 417 -8.52 15.42 -34.50
CA GLY A 417 -8.00 16.70 -34.03
C GLY A 417 -8.56 17.14 -32.70
N GLN A 418 -9.39 16.30 -32.10
CA GLN A 418 -9.78 16.48 -30.71
C GLN A 418 -8.63 15.96 -29.86
N ARG A 419 -8.30 16.71 -28.82
CA ARG A 419 -7.19 16.35 -27.94
C ARG A 419 -7.66 15.57 -26.72
N PHE A 420 -6.75 14.75 -26.18
CA PHE A 420 -7.03 13.99 -24.98
C PHE A 420 -6.60 14.69 -23.66
N GLY A 421 -6.20 15.95 -23.73
CA GLY A 421 -5.67 16.66 -22.54
C GLY A 421 -6.66 17.27 -21.55
N LEU A 422 -6.12 17.75 -20.43
CA LEU A 422 -6.92 18.35 -19.38
C LEU A 422 -6.67 19.84 -19.32
N GLN A 423 -7.61 20.55 -18.73
CA GLN A 423 -7.44 21.97 -18.40
C GLN A 423 -7.86 22.10 -16.94
N GLU A 424 -7.15 22.93 -16.16
CA GLU A 424 -7.63 23.20 -14.80
C GLU A 424 -8.45 24.46 -14.84
N GLN A 425 -9.75 24.29 -14.76
CA GLN A 425 -10.62 25.42 -14.51
C GLN A 425 -10.85 25.39 -12.99
N ALA A 426 -12.10 25.44 -12.54
CA ALA A 426 -12.40 25.27 -11.11
C ALA A 426 -12.18 23.83 -10.71
N THR A 427 -12.42 22.93 -11.66
CA THR A 427 -12.14 21.53 -11.52
C THR A 427 -11.28 21.11 -12.69
N LEU A 428 -10.93 19.83 -12.74
CA LEU A 428 -10.26 19.30 -13.90
C LEU A 428 -11.32 18.84 -14.87
N LYS A 429 -11.20 19.28 -16.12
CA LYS A 429 -12.08 18.86 -17.20
C LYS A 429 -11.29 18.72 -18.50
N PRO A 430 -11.85 18.03 -19.50
CA PRO A 430 -11.13 17.88 -20.77
C PRO A 430 -10.81 19.23 -21.37
N LEU A 431 -9.65 19.30 -22.03
CA LEU A 431 -9.20 20.47 -22.77
C LEU A 431 -10.17 20.77 -23.91
N ASP A 432 -10.43 19.74 -24.72
CA ASP A 432 -11.37 19.84 -25.83
C ASP A 432 -12.76 19.29 -25.45
N PRO A 433 -13.84 19.87 -26.00
CA PRO A 433 -15.21 19.53 -25.58
C PRO A 433 -15.68 18.11 -25.92
N VAL A 434 -14.75 17.21 -26.26
CA VAL A 434 -15.11 15.82 -26.54
C VAL A 434 -16.11 15.75 -27.71
N LEU A 435 -15.71 16.29 -28.87
CA LEU A 435 -16.56 16.27 -30.08
C LEU A 435 -16.56 14.88 -30.69
N CYS A 436 -17.75 14.32 -30.86
CA CYS A 436 -17.88 12.99 -31.46
C CYS A 436 -18.92 12.91 -32.59
N THR A 437 -18.70 11.96 -33.50
CA THR A 437 -19.75 11.45 -34.36
C THR A 437 -20.22 10.13 -33.74
N LEU A 438 -21.50 9.82 -33.91
CA LEU A 438 -22.10 8.66 -33.26
C LEU A 438 -22.81 7.78 -34.26
N ARG A 439 -23.09 6.56 -33.83
CA ARG A 439 -23.62 5.54 -34.67
C ARG A 439 -24.44 4.66 -33.71
N PRO A 440 -25.59 4.13 -34.17
CA PRO A 440 -26.26 3.13 -33.33
C PRO A 440 -25.39 1.86 -33.21
N ARG A 441 -25.54 1.12 -32.11
CA ARG A 441 -24.71 -0.06 -31.88
C ARG A 441 -25.10 -1.21 -32.81
N VAL B 11 -0.04 -24.66 13.72
CA VAL B 11 1.05 -23.65 13.58
C VAL B 11 0.66 -22.31 14.19
N LEU B 12 1.27 -21.93 15.31
CA LEU B 12 0.86 -20.72 16.04
C LEU B 12 0.69 -19.48 15.15
N GLN B 13 1.66 -19.23 14.29
CA GLN B 13 1.58 -18.13 13.32
C GLN B 13 0.32 -18.12 12.43
N ASP B 14 -0.17 -19.32 12.08
CA ASP B 14 -1.34 -19.48 11.23
C ASP B 14 -2.61 -19.23 12.01
N VAL B 15 -2.54 -19.39 13.32
CA VAL B 15 -3.65 -19.06 14.19
C VAL B 15 -3.74 -17.54 14.28
N PHE B 16 -2.59 -16.88 14.37
CA PHE B 16 -2.55 -15.43 14.45
C PHE B 16 -3.09 -14.82 13.15
N LEU B 17 -2.78 -15.47 12.03
CA LEU B 17 -3.24 -15.02 10.73
C LEU B 17 -4.76 -14.97 10.70
N ASP B 18 -5.39 -16.03 11.20
CA ASP B 18 -6.83 -16.16 11.25
C ASP B 18 -7.43 -15.08 12.14
N TRP B 19 -6.84 -14.87 13.30
CA TRP B 19 -7.36 -13.84 14.21
C TRP B 19 -7.17 -12.45 13.65
N ALA B 20 -6.07 -12.23 12.96
CA ALA B 20 -5.80 -10.97 12.29
C ALA B 20 -6.85 -10.62 11.22
N LYS B 21 -7.30 -11.62 10.48
CA LYS B 21 -8.27 -11.40 9.38
C LYS B 21 -9.69 -11.25 9.91
N LYS B 22 -9.97 -11.94 11.01
CA LYS B 22 -11.30 -11.96 11.60
C LYS B 22 -11.52 -10.76 12.55
N TYR B 23 -10.51 -10.46 13.37
CA TYR B 23 -10.67 -9.50 14.46
C TYR B 23 -9.90 -8.20 14.25
N GLY B 24 -9.30 -8.03 13.06
CA GLY B 24 -8.82 -6.71 12.66
C GLY B 24 -7.36 -6.47 12.94
N PRO B 25 -6.93 -5.21 12.83
CA PRO B 25 -5.50 -4.88 12.86
C PRO B 25 -4.84 -4.80 14.25
N VAL B 26 -5.59 -5.13 15.30
CA VAL B 26 -5.12 -5.04 16.71
C VAL B 26 -5.78 -6.11 17.58
N VAL B 27 -5.02 -7.13 17.96
CA VAL B 27 -5.56 -8.32 18.61
C VAL B 27 -4.71 -8.80 19.78
N ARG B 28 -5.33 -8.96 20.95
CA ARG B 28 -4.65 -9.48 22.13
C ARG B 28 -4.46 -11.00 22.06
N VAL B 29 -3.24 -11.47 22.30
CA VAL B 29 -2.94 -12.89 22.23
C VAL B 29 -2.10 -13.40 23.40
N ASN B 30 -2.03 -14.72 23.54
CA ASN B 30 -0.99 -15.34 24.36
C ASN B 30 0.11 -15.98 23.50
N VAL B 31 1.33 -15.46 23.66
CA VAL B 31 2.49 -15.89 22.86
C VAL B 31 3.71 -16.03 23.78
N PHE B 32 4.31 -17.21 23.79
CA PHE B 32 5.44 -17.52 24.66
C PHE B 32 5.12 -17.26 26.16
N HIS B 33 3.87 -17.55 26.54
CA HIS B 33 3.36 -17.39 27.92
C HIS B 33 3.03 -15.97 28.37
N LYS B 34 2.89 -15.05 27.43
CA LYS B 34 2.60 -13.67 27.80
C LYS B 34 1.47 -13.05 27.01
N THR B 35 0.85 -12.02 27.58
CA THR B 35 -0.09 -11.19 26.85
C THR B 35 0.73 -10.28 25.97
N SER B 36 0.36 -10.21 24.70
CA SER B 36 0.87 -9.17 23.83
C SER B 36 -0.25 -8.80 22.90
N VAL B 37 0.00 -7.81 22.04
CA VAL B 37 -0.99 -7.37 21.09
C VAL B 37 -0.35 -7.46 19.71
N ILE B 38 -0.94 -8.27 18.83
CA ILE B 38 -0.48 -8.32 17.43
C ILE B 38 -1.04 -7.17 16.59
N VAL B 39 -0.12 -6.48 15.95
CA VAL B 39 -0.39 -5.22 15.28
C VAL B 39 -0.13 -5.44 13.80
N THR B 40 -1.14 -5.29 12.95
CA THR B 40 -0.99 -5.65 11.54
C THR B 40 -1.36 -4.65 10.43
N SER B 41 -1.60 -3.38 10.76
CA SER B 41 -1.71 -2.36 9.69
C SER B 41 -0.30 -1.92 9.26
N PRO B 42 -0.12 -1.54 7.99
CA PRO B 42 1.22 -1.10 7.56
C PRO B 42 1.63 0.20 8.24
N GLU B 43 0.64 1.02 8.58
CA GLU B 43 0.86 2.31 9.25
C GLU B 43 1.44 2.10 10.63
N SER B 44 0.92 1.10 11.32
CA SER B 44 1.41 0.72 12.65
C SER B 44 2.83 0.10 12.59
N VAL B 45 3.10 -0.67 11.55
CA VAL B 45 4.43 -1.23 11.33
C VAL B 45 5.44 -0.08 11.08
N LYS B 46 5.01 0.91 10.30
CA LYS B 46 5.84 2.04 10.01
C LYS B 46 6.07 2.81 11.30
N LYS B 47 5.00 3.11 12.02
CA LYS B 47 5.13 3.92 13.22
C LYS B 47 6.12 3.32 14.21
N PHE B 48 5.93 2.06 14.56
CA PHE B 48 6.70 1.47 15.64
C PHE B 48 8.10 0.96 15.27
N LEU B 49 8.26 0.47 14.03
CA LEU B 49 9.52 -0.14 13.61
C LEU B 49 10.49 0.87 13.03
N MET B 50 9.97 1.96 12.48
CA MET B 50 10.80 2.96 11.82
C MET B 50 11.23 4.15 12.74
N SER B 51 11.08 3.97 14.05
CA SER B 51 11.49 4.97 15.01
C SER B 51 12.33 4.35 16.13
N THR B 52 13.48 4.96 16.38
CA THR B 52 14.37 4.55 17.47
C THR B 52 13.74 4.71 18.85
N LYS B 53 12.58 5.38 18.87
CA LYS B 53 11.73 5.54 20.05
C LYS B 53 11.31 4.20 20.65
N TYR B 54 11.01 3.27 19.77
CA TYR B 54 10.46 2.02 20.23
C TYR B 54 11.55 0.99 20.25
N ASN B 55 11.61 0.25 21.33
CA ASN B 55 12.65 -0.71 21.46
C ASN B 55 12.14 -2.09 21.78
N LYS B 56 13.00 -3.09 21.67
CA LYS B 56 12.60 -4.47 21.88
C LYS B 56 12.16 -4.64 23.33
N ASP B 57 11.22 -5.56 23.55
CA ASP B 57 10.74 -5.83 24.90
C ASP B 57 11.59 -6.89 25.56
N SER B 58 12.33 -6.50 26.61
CA SER B 58 13.16 -7.45 27.36
C SER B 58 12.35 -8.62 27.90
N LYS B 59 11.11 -8.36 28.29
CA LYS B 59 10.18 -9.40 28.71
C LYS B 59 10.08 -10.56 27.70
N MET B 60 10.14 -10.24 26.40
CA MET B 60 10.05 -11.26 25.36
C MET B 60 11.42 -11.83 25.03
N TYR B 61 12.46 -11.02 25.20
CA TYR B 61 13.80 -11.44 24.81
C TYR B 61 14.61 -12.08 25.95
N ARG B 62 14.09 -11.99 27.17
CA ARG B 62 14.69 -12.66 28.33
C ARG B 62 14.84 -14.15 28.12
N ALA B 63 13.85 -14.75 27.46
CA ALA B 63 13.87 -16.18 27.19
C ALA B 63 15.15 -16.58 26.46
N LEU B 64 15.62 -15.73 25.56
CA LEU B 64 16.76 -16.04 24.71
C LEU B 64 18.10 -15.78 25.41
N GLN B 65 18.07 -14.94 26.43
CA GLN B 65 19.24 -14.60 27.23
C GLN B 65 19.80 -15.80 28.01
N THR B 66 18.90 -16.62 28.56
CA THR B 66 19.25 -17.77 29.39
C THR B 66 18.21 -18.88 29.17
N VAL B 67 18.65 -20.12 29.02
CA VAL B 67 17.72 -21.21 28.69
C VAL B 67 17.93 -22.44 29.58
N PHE B 68 16.87 -22.76 30.32
CA PHE B 68 16.90 -23.81 31.34
C PHE B 68 18.06 -23.52 32.28
N GLY B 69 18.17 -22.27 32.70
CA GLY B 69 19.19 -21.85 33.67
C GLY B 69 20.58 -21.62 33.10
N GLU B 70 20.79 -21.99 31.84
CA GLU B 70 22.11 -21.98 31.19
C GLU B 70 22.24 -20.77 30.25
N ARG B 71 23.22 -19.91 30.52
CA ARG B 71 23.41 -18.67 29.75
C ARG B 71 23.68 -18.93 28.25
N LEU B 72 22.96 -18.23 27.38
CA LEU B 72 22.98 -18.51 25.93
C LEU B 72 23.41 -17.32 25.07
N PHE B 73 22.46 -16.46 24.73
CA PHE B 73 22.78 -15.29 23.90
C PHE B 73 23.03 -14.07 24.74
N GLY B 74 22.76 -14.20 26.05
CA GLY B 74 22.98 -13.12 27.00
C GLY B 74 22.43 -11.81 26.47
N GLN B 75 23.24 -10.76 26.53
CA GLN B 75 22.90 -9.46 25.98
C GLN B 75 23.67 -9.21 24.67
N GLY B 76 23.75 -10.23 23.84
CA GLY B 76 24.32 -10.10 22.50
C GLY B 76 23.51 -9.17 21.62
N LEU B 77 23.94 -9.03 20.37
CA LEU B 77 23.42 -8.01 19.47
C LEU B 77 21.93 -8.14 19.17
N VAL B 78 21.42 -9.37 19.20
CA VAL B 78 20.01 -9.61 18.95
C VAL B 78 19.19 -9.36 20.23
N SER B 79 19.59 -10.05 21.30
CA SER B 79 18.82 -10.11 22.54
C SER B 79 18.95 -8.90 23.45
N GLU B 80 19.81 -7.95 23.10
CA GLU B 80 19.96 -6.73 23.91
C GLU B 80 18.88 -5.72 23.51
N CYS B 81 18.10 -5.31 24.50
CA CYS B 81 16.91 -4.48 24.27
C CYS B 81 17.12 -3.02 24.58
N ASN B 82 18.11 -2.72 25.43
CA ASN B 82 18.38 -1.34 25.78
C ASN B 82 19.04 -0.62 24.62
N TYR B 83 18.46 0.53 24.26
CA TYR B 83 18.92 1.26 23.07
C TYR B 83 20.40 1.62 23.13
N GLU B 84 20.79 2.35 24.16
CA GLU B 84 22.16 2.83 24.27
C GLU B 84 23.17 1.67 24.25
N ARG B 85 22.91 0.63 25.04
CA ARG B 85 23.76 -0.55 25.08
C ARG B 85 23.85 -1.31 23.75
N TRP B 86 22.75 -1.39 23.02
CA TRP B 86 22.78 -2.01 21.71
C TRP B 86 23.49 -1.09 20.68
N HIS B 87 23.32 0.21 20.82
CA HIS B 87 23.86 1.16 19.84
C HIS B 87 25.37 1.16 19.85
N LYS B 88 25.96 1.00 21.03
CA LYS B 88 27.38 0.97 21.18
C LYS B 88 28.00 -0.26 20.50
N GLN B 89 27.36 -1.43 20.67
CA GLN B 89 27.85 -2.63 20.00
C GLN B 89 27.60 -2.62 18.49
N ARG B 90 26.38 -2.26 18.09
CA ARG B 90 25.98 -2.24 16.68
C ARG B 90 26.91 -1.40 15.80
N ARG B 91 27.34 -0.25 16.32
CA ARG B 91 28.15 0.67 15.52
C ARG B 91 29.60 0.21 15.31
N VAL B 92 30.11 -0.61 16.21
CA VAL B 92 31.44 -1.16 16.07
C VAL B 92 31.37 -2.40 15.16
N ILE B 93 30.36 -3.23 15.38
CA ILE B 93 30.13 -4.45 14.60
C ILE B 93 29.69 -4.15 13.16
N ASP B 94 29.16 -2.94 12.93
CA ASP B 94 28.72 -2.50 11.60
C ASP B 94 29.85 -2.47 10.58
N LEU B 95 31.05 -2.17 11.06
CA LEU B 95 32.27 -2.12 10.27
C LEU B 95 32.52 -3.44 9.55
N ALA B 96 32.27 -4.56 10.25
CA ALA B 96 32.40 -5.88 9.65
C ALA B 96 31.40 -6.14 8.50
N PHE B 97 30.51 -5.19 8.24
CA PHE B 97 29.49 -5.41 7.20
C PHE B 97 29.47 -4.36 6.10
N SER B 98 30.54 -3.59 5.99
CA SER B 98 30.68 -2.60 4.92
C SER B 98 30.63 -3.28 3.57
N ARG B 99 30.30 -2.52 2.54
CA ARG B 99 30.36 -3.00 1.16
C ARG B 99 31.63 -3.81 0.86
N SER B 100 32.79 -3.28 1.25
CA SER B 100 34.06 -3.90 0.94
C SER B 100 34.41 -5.09 1.83
N SER B 101 33.81 -5.17 3.01
CA SER B 101 33.97 -6.35 3.86
C SER B 101 33.20 -7.54 3.27
N LEU B 102 31.99 -7.29 2.79
CA LEU B 102 31.14 -8.35 2.24
C LEU B 102 31.64 -8.85 0.88
N VAL B 103 32.15 -7.92 0.06
CA VAL B 103 32.87 -8.27 -1.18
C VAL B 103 34.06 -9.19 -0.90
N SER B 104 34.72 -9.01 0.25
CA SER B 104 35.86 -9.86 0.62
C SER B 104 35.49 -11.32 0.95
N LEU B 105 34.18 -11.59 0.99
CA LEU B 105 33.65 -12.90 1.38
C LEU B 105 33.20 -13.74 0.21
N MET B 106 33.15 -13.12 -0.97
CA MET B 106 32.77 -13.84 -2.18
C MET B 106 33.54 -15.15 -2.38
N GLU B 107 34.77 -15.20 -1.88
CA GLU B 107 35.63 -16.37 -2.09
C GLU B 107 35.16 -17.54 -1.23
N THR B 108 34.98 -17.26 0.07
CA THR B 108 34.34 -18.21 0.99
C THR B 108 33.00 -18.68 0.41
N PHE B 109 32.16 -17.72 0.01
CA PHE B 109 30.84 -18.02 -0.54
C PHE B 109 30.92 -18.95 -1.74
N ASN B 110 31.82 -18.66 -2.67
CA ASN B 110 32.04 -19.53 -3.85
C ASN B 110 32.61 -20.90 -3.48
N GLU B 111 33.55 -20.92 -2.54
CA GLU B 111 34.25 -22.16 -2.16
C GLU B 111 33.25 -23.14 -1.56
N LYS B 112 32.48 -22.69 -0.58
CA LYS B 112 31.51 -23.59 0.06
C LYS B 112 30.40 -24.00 -0.92
N ALA B 113 29.91 -23.05 -1.73
CA ALA B 113 28.87 -23.39 -2.71
C ALA B 113 29.36 -24.47 -3.67
N GLU B 114 30.56 -24.27 -4.21
CA GLU B 114 31.14 -25.25 -5.15
C GLU B 114 31.24 -26.62 -4.48
N GLN B 115 31.67 -26.64 -3.24
CA GLN B 115 31.82 -27.89 -2.54
C GLN B 115 30.50 -28.61 -2.33
N LEU B 116 29.47 -27.85 -1.95
CA LEU B 116 28.13 -28.39 -1.77
C LEU B 116 27.67 -29.06 -3.06
N VAL B 117 27.88 -28.39 -4.20
CA VAL B 117 27.40 -28.90 -5.49
C VAL B 117 28.09 -30.19 -5.92
N GLU B 118 29.41 -30.26 -5.71
CA GLU B 118 30.17 -31.47 -6.05
C GLU B 118 29.72 -32.66 -5.21
N ILE B 119 29.48 -32.41 -3.92
CA ILE B 119 28.92 -33.44 -3.04
C ILE B 119 27.55 -33.92 -3.49
N LEU B 120 26.71 -33.00 -3.94
CA LEU B 120 25.41 -33.39 -4.47
C LEU B 120 25.55 -34.03 -5.85
N GLU B 121 26.48 -33.53 -6.66
CA GLU B 121 26.78 -34.15 -7.97
C GLU B 121 27.23 -35.61 -7.85
N ALA B 122 27.94 -35.95 -6.77
CA ALA B 122 28.44 -37.33 -6.55
C ALA B 122 27.32 -38.30 -6.21
N LYS B 123 26.14 -37.74 -5.94
CA LYS B 123 24.99 -38.51 -5.51
C LYS B 123 23.86 -38.40 -6.52
N ALA B 124 24.13 -37.74 -7.64
CA ALA B 124 23.11 -37.37 -8.61
C ALA B 124 22.73 -38.50 -9.57
N ASP B 125 22.13 -39.56 -9.02
CA ASP B 125 21.71 -40.71 -9.82
C ASP B 125 20.19 -40.87 -9.94
N GLY B 126 19.47 -39.91 -9.36
CA GLY B 126 18.02 -39.93 -9.38
C GLY B 126 17.39 -40.97 -8.46
N GLN B 127 18.16 -41.48 -7.50
CA GLN B 127 17.61 -42.41 -6.52
C GLN B 127 18.27 -42.47 -5.14
N THR B 128 19.26 -41.61 -4.91
CA THR B 128 19.81 -41.46 -3.57
C THR B 128 19.08 -40.30 -2.88
N PRO B 129 18.31 -40.62 -1.83
CA PRO B 129 17.60 -39.60 -1.06
C PRO B 129 18.61 -38.76 -0.30
N VAL B 130 18.54 -37.44 -0.52
CA VAL B 130 19.39 -36.51 0.22
C VAL B 130 18.53 -35.44 0.89
N SER B 131 18.78 -35.21 2.18
CA SER B 131 18.12 -34.11 2.85
C SER B 131 18.77 -32.77 2.50
N MET B 132 18.06 -32.01 1.68
CA MET B 132 18.52 -30.68 1.37
C MET B 132 18.53 -29.76 2.62
N GLN B 133 17.64 -30.02 3.58
CA GLN B 133 17.68 -29.28 4.84
C GLN B 133 19.04 -29.41 5.57
N ASP B 134 19.46 -30.64 5.84
CA ASP B 134 20.78 -30.88 6.42
C ASP B 134 21.92 -30.36 5.53
N MET B 135 21.86 -30.61 4.22
CA MET B 135 22.92 -30.16 3.32
C MET B 135 23.07 -28.66 3.35
N LEU B 136 21.94 -27.96 3.41
CA LEU B 136 21.94 -26.50 3.34
C LEU B 136 22.37 -25.95 4.69
N THR B 137 21.94 -26.61 5.75
CA THR B 137 22.44 -26.27 7.09
C THR B 137 23.98 -26.34 7.21
N TYR B 138 24.57 -27.42 6.70
CA TYR B 138 26.01 -27.63 6.77
C TYR B 138 26.74 -26.57 5.98
N THR B 139 26.18 -26.24 4.81
CA THR B 139 26.72 -25.20 3.94
C THR B 139 26.75 -23.84 4.67
N ALA B 140 25.61 -23.44 5.23
CA ALA B 140 25.51 -22.13 5.89
C ALA B 140 26.41 -22.03 7.10
N MET B 141 26.47 -23.12 7.86
CA MET B 141 27.39 -23.22 8.98
C MET B 141 28.87 -23.09 8.55
N ASP B 142 29.28 -23.88 7.55
CA ASP B 142 30.66 -23.76 6.98
C ASP B 142 30.99 -22.35 6.50
N ILE B 143 30.07 -21.75 5.75
CA ILE B 143 30.24 -20.36 5.29
C ILE B 143 30.38 -19.42 6.47
N LEU B 144 29.47 -19.51 7.43
CA LEU B 144 29.51 -18.57 8.55
C LEU B 144 30.87 -18.72 9.25
N ALA B 145 31.16 -19.93 9.73
CA ALA B 145 32.40 -20.22 10.47
C ALA B 145 33.68 -19.66 9.84
N LYS B 146 33.85 -19.84 8.53
CA LYS B 146 34.97 -19.29 7.82
C LYS B 146 34.83 -17.77 7.73
N ALA B 147 33.70 -17.31 7.20
CA ALA B 147 33.51 -15.87 6.95
C ALA B 147 33.66 -15.03 8.19
N ALA B 148 32.94 -15.40 9.25
CA ALA B 148 32.91 -14.63 10.47
C ALA B 148 34.13 -14.84 11.38
N PHE B 149 34.61 -16.08 11.48
CA PHE B 149 35.50 -16.47 12.54
C PHE B 149 36.89 -17.00 12.11
N GLY B 150 37.06 -17.20 10.80
CA GLY B 150 38.30 -17.75 10.27
C GLY B 150 38.50 -19.23 10.55
N MET B 151 37.41 -19.94 10.84
CA MET B 151 37.50 -21.36 11.15
C MET B 151 36.80 -22.24 10.09
N GLU B 152 37.28 -23.47 9.96
CA GLU B 152 36.75 -24.42 9.00
C GLU B 152 36.07 -25.55 9.74
N THR B 153 34.74 -25.61 9.69
CA THR B 153 34.00 -26.64 10.38
C THR B 153 33.88 -27.91 9.53
N SER B 154 33.76 -27.73 8.21
CA SER B 154 33.80 -28.83 7.25
C SER B 154 32.66 -29.84 7.43
N MET B 155 31.54 -29.36 7.96
CA MET B 155 30.38 -30.20 8.17
C MET B 155 30.00 -30.85 6.87
N LEU B 156 30.17 -30.12 5.76
CA LEU B 156 30.01 -30.67 4.42
C LEU B 156 30.85 -31.94 4.20
N LEU B 157 32.01 -32.00 4.85
CA LEU B 157 32.92 -33.13 4.75
C LEU B 157 32.81 -34.10 5.94
N GLY B 158 31.69 -34.01 6.67
CA GLY B 158 31.34 -35.02 7.67
C GLY B 158 31.99 -34.79 9.00
N ALA B 159 32.67 -33.65 9.14
CA ALA B 159 33.33 -33.31 10.38
C ALA B 159 32.34 -32.65 11.34
N GLN B 160 32.81 -32.37 12.56
CA GLN B 160 32.06 -31.65 13.58
C GLN B 160 30.64 -32.17 13.78
N LYS B 161 30.50 -33.48 13.86
CA LYS B 161 29.20 -34.10 14.11
C LYS B 161 28.65 -33.76 15.50
N PRO B 162 29.49 -33.86 16.55
CA PRO B 162 29.06 -33.38 17.88
C PRO B 162 28.67 -31.90 17.92
N LEU B 163 29.30 -31.07 17.10
CA LEU B 163 28.96 -29.63 17.10
C LEU B 163 27.57 -29.39 16.51
N SER B 164 27.21 -30.14 15.47
CA SER B 164 25.91 -29.96 14.83
C SER B 164 24.82 -30.61 15.68
N GLN B 165 25.15 -31.72 16.32
CA GLN B 165 24.26 -32.33 17.31
C GLN B 165 23.94 -31.33 18.43
N ALA B 166 24.97 -30.61 18.91
CA ALA B 166 24.82 -29.56 19.93
C ALA B 166 23.91 -28.37 19.52
N VAL B 167 24.02 -27.95 18.26
CA VAL B 167 23.18 -26.85 17.75
C VAL B 167 21.73 -27.34 17.68
N LYS B 168 21.56 -28.57 17.22
CA LYS B 168 20.25 -29.19 17.08
C LYS B 168 19.46 -29.28 18.39
N LEU B 169 20.14 -29.57 19.49
CA LEU B 169 19.47 -29.75 20.78
C LEU B 169 19.18 -28.41 21.43
N MET B 170 20.08 -27.48 21.21
CA MET B 170 19.92 -26.14 21.70
C MET B 170 18.63 -25.52 21.12
N LEU B 171 18.43 -25.67 19.81
CA LEU B 171 17.24 -25.13 19.15
C LEU B 171 15.93 -25.82 19.58
N GLU B 172 16.00 -27.12 19.82
CA GLU B 172 14.89 -27.86 20.41
C GLU B 172 14.64 -27.38 21.84
N GLY B 173 15.71 -26.98 22.52
CA GLY B 173 15.62 -26.42 23.86
C GLY B 173 14.95 -25.05 23.88
N ILE B 174 15.31 -24.19 22.93
CA ILE B 174 14.67 -22.89 22.79
C ILE B 174 13.16 -23.14 22.74
N THR B 175 12.73 -23.88 21.72
CA THR B 175 11.34 -24.25 21.51
C THR B 175 10.59 -24.69 22.77
N ALA B 176 11.12 -25.69 23.46
CA ALA B 176 10.48 -26.29 24.63
C ALA B 176 10.32 -25.28 25.74
N SER B 177 11.34 -24.45 25.93
CA SER B 177 11.41 -23.49 27.02
C SER B 177 10.44 -22.31 26.90
N ARG B 178 10.02 -21.98 25.67
CA ARG B 178 9.10 -20.85 25.49
C ARG B 178 7.70 -21.24 25.00
N ASN B 179 7.48 -22.53 24.79
CA ASN B 179 6.16 -23.07 24.44
C ASN B 179 5.75 -24.17 25.43
N THR B 180 5.38 -23.75 26.64
CA THR B 180 5.08 -24.65 27.77
C THR B 180 6.33 -25.38 28.26
N LYS B 188 11.90 -35.92 29.36
CA LYS B 188 11.93 -34.45 29.45
C LYS B 188 13.08 -33.96 30.34
N ARG B 189 13.60 -34.85 31.19
CA ARG B 189 14.76 -34.55 32.04
C ARG B 189 16.04 -35.02 31.37
N LYS B 190 15.90 -35.98 30.44
CA LYS B 190 16.97 -36.36 29.54
C LYS B 190 17.26 -35.16 28.64
N GLN B 191 16.20 -34.66 27.99
CA GLN B 191 16.29 -33.49 27.13
C GLN B 191 16.96 -32.35 27.88
N LEU B 192 16.51 -32.12 29.11
CA LEU B 192 16.92 -30.95 29.88
C LEU B 192 18.43 -30.92 30.07
N ARG B 193 19.05 -32.09 30.24
CA ARG B 193 20.49 -32.17 30.44
C ARG B 193 21.22 -32.04 29.11
N GLU B 194 20.75 -32.76 28.10
CA GLU B 194 21.26 -32.63 26.74
C GLU B 194 21.31 -31.17 26.29
N VAL B 195 20.23 -30.45 26.58
CA VAL B 195 20.10 -29.04 26.20
C VAL B 195 21.08 -28.16 26.96
N ARG B 196 21.21 -28.39 28.26
CA ARG B 196 22.16 -27.62 29.08
C ARG B 196 23.59 -27.93 28.62
N GLU B 197 23.84 -29.21 28.37
CA GLU B 197 25.11 -29.69 27.83
C GLU B 197 25.46 -29.00 26.50
N SER B 198 24.47 -28.91 25.61
CA SER B 198 24.66 -28.34 24.29
C SER B 198 25.01 -26.86 24.31
N ILE B 199 24.38 -26.12 25.21
CA ILE B 199 24.63 -24.70 25.35
C ILE B 199 26.04 -24.41 25.88
N ARG B 200 26.47 -25.16 26.89
CA ARG B 200 27.84 -25.08 27.38
C ARG B 200 28.84 -25.43 26.26
N PHE B 201 28.55 -26.50 25.50
CA PHE B 201 29.38 -26.89 24.35
C PHE B 201 29.56 -25.69 23.40
N LEU B 202 28.45 -25.07 22.99
CA LEU B 202 28.50 -23.90 22.13
C LEU B 202 29.44 -22.84 22.68
N ARG B 203 29.24 -22.47 23.95
CA ARG B 203 30.08 -21.45 24.59
C ARG B 203 31.56 -21.85 24.70
N GLN B 204 31.83 -23.15 24.85
CA GLN B 204 33.23 -23.63 24.92
C GLN B 204 33.92 -23.49 23.55
N VAL B 205 33.20 -23.87 22.49
CA VAL B 205 33.64 -23.69 21.10
C VAL B 205 34.05 -22.23 20.86
N GLY B 206 33.22 -21.30 21.35
CA GLY B 206 33.54 -19.88 21.31
C GLY B 206 34.82 -19.51 22.07
N ARG B 207 34.91 -19.96 23.32
CA ARG B 207 36.11 -19.74 24.16
C ARG B 207 37.36 -20.17 23.41
N ASP B 208 37.30 -21.37 22.83
CA ASP B 208 38.31 -21.90 21.93
C ASP B 208 38.71 -20.98 20.78
N TRP B 209 37.77 -20.70 19.87
CA TRP B 209 38.06 -19.93 18.67
C TRP B 209 38.48 -18.52 19.04
N VAL B 210 38.18 -18.12 20.26
CA VAL B 210 38.67 -16.85 20.81
C VAL B 210 40.15 -16.97 21.19
N GLN B 211 40.52 -18.06 21.87
CA GLN B 211 41.93 -18.34 22.15
C GLN B 211 42.73 -18.34 20.86
N ARG B 212 42.25 -19.10 19.88
CA ARG B 212 42.94 -19.28 18.61
C ARG B 212 43.27 -17.95 17.95
N ARG B 213 42.26 -17.08 17.85
CA ARG B 213 42.44 -15.71 17.35
C ARG B 213 43.49 -14.91 18.14
N ARG B 214 43.39 -14.96 19.47
CA ARG B 214 44.26 -14.18 20.33
C ARG B 214 45.71 -14.67 20.25
N GLU B 215 45.85 -15.99 20.16
CA GLU B 215 47.15 -16.63 19.99
C GLU B 215 47.83 -16.27 18.65
N ALA B 216 47.04 -16.09 17.60
CA ALA B 216 47.57 -15.66 16.32
C ALA B 216 48.06 -14.21 16.42
N LEU B 217 47.23 -13.38 17.05
CA LEU B 217 47.57 -11.99 17.26
C LEU B 217 48.82 -11.83 18.13
N LYS B 218 48.91 -12.61 19.20
CA LYS B 218 50.04 -12.58 20.14
C LYS B 218 51.40 -12.84 19.47
N ARG B 219 51.49 -13.88 18.63
CA ARG B 219 52.70 -14.14 17.84
C ARG B 219 52.94 -13.09 16.78
N GLY B 220 51.99 -12.15 16.65
CA GLY B 220 52.11 -11.07 15.67
C GLY B 220 51.76 -11.44 14.24
N GLU B 221 50.93 -12.46 14.05
CA GLU B 221 50.40 -12.81 12.71
C GLU B 221 49.41 -11.73 12.28
N GLU B 222 49.19 -11.61 10.98
CA GLU B 222 48.20 -10.66 10.48
C GLU B 222 46.91 -11.31 10.02
N VAL B 223 45.88 -11.06 10.82
CA VAL B 223 44.55 -11.60 10.60
C VAL B 223 43.66 -10.55 9.92
N PRO B 224 43.20 -10.84 8.70
CA PRO B 224 42.24 -9.98 8.02
C PRO B 224 41.01 -9.71 8.88
N ALA B 225 40.64 -8.43 8.98
CA ALA B 225 39.46 -7.99 9.69
C ALA B 225 38.25 -8.80 9.27
N ASP B 226 37.50 -9.29 10.26
CA ASP B 226 36.22 -9.97 10.00
C ASP B 226 35.21 -9.65 11.10
N ILE B 227 34.17 -10.49 11.22
CA ILE B 227 33.16 -10.33 12.26
C ILE B 227 33.77 -10.51 13.66
N LEU B 228 34.55 -11.58 13.83
CA LEU B 228 35.18 -11.86 15.12
C LEU B 228 36.00 -10.67 15.61
N THR B 229 36.76 -10.05 14.71
CA THR B 229 37.56 -8.88 15.07
C THR B 229 36.68 -7.82 15.75
N GLN B 230 35.52 -7.54 15.16
CA GLN B 230 34.68 -6.45 15.63
C GLN B 230 33.97 -6.73 16.94
N ILE B 231 33.75 -8.00 17.26
CA ILE B 231 33.08 -8.39 18.50
C ILE B 231 34.06 -8.56 19.68
N LEU B 232 35.33 -8.82 19.37
CA LEU B 232 36.39 -8.68 20.37
C LEU B 232 36.55 -7.20 20.68
N LYS B 233 36.63 -6.39 19.62
CA LYS B 233 36.82 -4.94 19.72
C LYS B 233 35.72 -4.28 20.54
N ALA B 234 34.47 -4.68 20.27
CA ALA B 234 33.33 -4.21 21.04
C ALA B 234 33.42 -4.61 22.52
N GLU B 235 34.18 -5.67 22.83
CA GLU B 235 34.30 -6.14 24.21
C GLU B 235 35.53 -5.63 24.96
N GLU B 236 36.29 -4.76 24.30
CA GLU B 236 37.54 -4.22 24.85
C GLU B 236 37.26 -3.29 26.05
N GLY B 237 37.82 -3.65 27.20
CA GLY B 237 37.65 -2.87 28.43
C GLY B 237 36.62 -3.46 29.40
N ALA B 238 36.43 -4.77 29.34
CA ALA B 238 35.47 -5.49 30.19
C ALA B 238 36.18 -6.56 31.03
N GLN B 239 35.66 -6.81 32.23
CA GLN B 239 36.34 -7.69 33.21
C GLN B 239 36.41 -9.15 32.82
N ASP B 240 35.54 -9.59 31.93
CA ASP B 240 35.55 -10.98 31.49
C ASP B 240 35.10 -11.15 30.04
N ASP B 241 34.99 -12.39 29.60
CA ASP B 241 34.69 -12.70 28.22
C ASP B 241 33.23 -13.14 27.98
N GLU B 242 32.37 -12.98 28.97
CA GLU B 242 31.00 -13.51 28.90
C GLU B 242 30.11 -12.75 27.91
N GLY B 243 30.38 -11.45 27.75
CA GLY B 243 29.70 -10.64 26.76
C GLY B 243 30.20 -11.01 25.38
N LEU B 244 31.49 -11.36 25.32
CA LEU B 244 32.12 -11.77 24.09
C LEU B 244 31.50 -13.08 23.61
N LEU B 245 31.32 -14.03 24.52
CA LEU B 245 30.75 -15.33 24.15
C LEU B 245 29.23 -15.24 23.78
N ASP B 246 28.48 -14.45 24.54
CA ASP B 246 27.12 -14.07 24.14
C ASP B 246 27.11 -13.75 22.66
N ASN B 247 27.94 -12.79 22.28
CA ASN B 247 28.04 -12.33 20.91
C ASN B 247 28.61 -13.33 19.95
N PHE B 248 29.48 -14.22 20.44
CA PHE B 248 29.96 -15.32 19.59
C PHE B 248 28.83 -16.30 19.29
N VAL B 249 28.09 -16.70 20.33
CA VAL B 249 26.98 -17.65 20.15
C VAL B 249 25.87 -17.00 19.29
N THR B 250 25.62 -15.72 19.51
CA THR B 250 24.61 -14.98 18.76
C THR B 250 24.85 -15.07 17.26
N PHE B 251 26.02 -14.61 16.81
CA PHE B 251 26.39 -14.68 15.40
C PHE B 251 26.55 -16.10 14.86
N PHE B 252 27.12 -16.97 15.68
CA PHE B 252 27.22 -18.37 15.32
C PHE B 252 25.86 -18.87 14.84
N ILE B 253 24.81 -18.57 15.63
CA ILE B 253 23.46 -19.04 15.33
C ILE B 253 22.73 -18.16 14.29
N ALA B 254 22.66 -16.86 14.55
CA ALA B 254 21.94 -15.95 13.65
C ALA B 254 22.58 -15.98 12.27
N GLY B 255 23.89 -16.13 12.23
CA GLY B 255 24.62 -16.09 10.95
C GLY B 255 24.45 -17.31 10.06
N HIS B 256 23.78 -18.35 10.57
CA HIS B 256 23.59 -19.55 9.76
C HIS B 256 22.21 -20.19 9.77
N GLU B 257 21.48 -20.16 10.88
CA GLU B 257 20.21 -20.92 10.92
C GLU B 257 19.15 -20.39 9.96
N THR B 258 18.98 -19.06 9.94
CA THR B 258 17.93 -18.41 9.17
C THR B 258 18.24 -18.46 7.66
N SER B 259 19.51 -18.38 7.30
CA SER B 259 19.94 -18.57 5.90
C SER B 259 19.63 -19.99 5.45
N ALA B 260 19.93 -20.95 6.31
CA ALA B 260 19.60 -22.33 6.04
C ALA B 260 18.11 -22.58 5.91
N ASN B 261 17.32 -22.12 6.87
CA ASN B 261 15.85 -22.26 6.68
C ASN B 261 15.43 -21.72 5.31
N HIS B 262 15.91 -20.54 4.96
CA HIS B 262 15.45 -19.79 3.80
C HIS B 262 15.88 -20.54 2.54
N LEU B 263 17.07 -21.14 2.59
CA LEU B 263 17.56 -21.91 1.50
C LEU B 263 16.68 -23.14 1.39
N ALA B 264 16.45 -23.83 2.50
CA ALA B 264 15.61 -25.04 2.50
C ALA B 264 14.21 -24.78 1.92
N PHE B 265 13.52 -23.77 2.44
CA PHE B 265 12.23 -23.38 1.92
C PHE B 265 12.26 -23.14 0.41
N THR B 266 13.26 -22.42 -0.07
CA THR B 266 13.30 -22.01 -1.48
C THR B 266 13.36 -23.23 -2.34
N VAL B 267 14.31 -24.13 -2.03
CA VAL B 267 14.47 -25.40 -2.74
C VAL B 267 13.18 -26.25 -2.69
N MET B 268 12.58 -26.36 -1.50
CA MET B 268 11.35 -27.12 -1.31
C MET B 268 10.21 -26.61 -2.22
N GLU B 269 10.04 -25.29 -2.28
CA GLU B 269 8.98 -24.70 -3.06
C GLU B 269 9.26 -24.85 -4.57
N LEU B 270 10.50 -24.64 -4.97
CA LEU B 270 10.88 -24.79 -6.39
C LEU B 270 10.64 -26.18 -6.99
N SER B 271 10.68 -27.22 -6.16
CA SER B 271 10.46 -28.59 -6.62
C SER B 271 9.04 -28.82 -7.19
N ARG B 272 8.15 -27.84 -7.01
CA ARG B 272 6.81 -27.94 -7.55
C ARG B 272 6.50 -26.72 -8.43
N GLN B 273 7.56 -26.01 -8.82
CA GLN B 273 7.47 -24.80 -9.64
C GLN B 273 8.32 -24.88 -10.90
N PRO B 274 8.00 -25.82 -11.80
CA PRO B 274 8.79 -26.03 -13.02
C PRO B 274 8.95 -24.81 -13.94
N GLU B 275 7.88 -24.07 -14.20
CA GLU B 275 7.96 -22.94 -15.14
C GLU B 275 8.98 -21.99 -14.62
N ILE B 276 8.89 -21.69 -13.33
CA ILE B 276 9.75 -20.75 -12.63
C ILE B 276 11.21 -21.20 -12.65
N VAL B 277 11.42 -22.50 -12.47
CA VAL B 277 12.75 -23.10 -12.48
C VAL B 277 13.40 -22.93 -13.86
N ALA B 278 12.62 -23.19 -14.92
CA ALA B 278 13.11 -23.04 -16.31
C ALA B 278 13.66 -21.64 -16.53
N ARG B 279 12.89 -20.65 -16.08
CA ARG B 279 13.26 -19.26 -16.20
C ARG B 279 14.43 -18.89 -15.29
N LEU B 280 14.54 -19.59 -14.16
CA LEU B 280 15.71 -19.44 -13.30
C LEU B 280 16.94 -20.04 -14.00
N GLN B 281 16.76 -21.21 -14.62
CA GLN B 281 17.83 -21.84 -15.37
C GLN B 281 18.26 -20.99 -16.57
N ALA B 282 17.29 -20.51 -17.35
CA ALA B 282 17.59 -19.61 -18.48
C ALA B 282 18.38 -18.37 -18.06
N GLU B 283 17.92 -17.69 -17.00
CA GLU B 283 18.67 -16.52 -16.47
C GLU B 283 20.11 -16.86 -16.11
N VAL B 284 20.28 -17.84 -15.22
CA VAL B 284 21.61 -18.35 -14.90
C VAL B 284 22.42 -18.62 -16.19
N ASP B 285 21.80 -19.29 -17.16
CA ASP B 285 22.45 -19.55 -18.45
C ASP B 285 22.84 -18.30 -19.24
N GLU B 286 22.03 -17.24 -19.16
CA GLU B 286 22.34 -15.97 -19.83
C GLU B 286 23.44 -15.15 -19.15
N VAL B 287 23.37 -14.99 -17.82
CA VAL B 287 24.27 -14.04 -17.14
C VAL B 287 25.57 -14.63 -16.59
N ILE B 288 25.58 -15.94 -16.32
CA ILE B 288 26.82 -16.59 -15.91
C ILE B 288 27.20 -17.80 -16.80
N GLY B 289 26.22 -18.32 -17.54
CA GLY B 289 26.44 -19.55 -18.32
C GLY B 289 26.97 -20.65 -17.42
N SER B 290 28.06 -21.29 -17.85
CA SER B 290 28.68 -22.34 -17.06
C SER B 290 29.97 -21.86 -16.38
N LYS B 291 30.06 -20.56 -16.15
CA LYS B 291 31.20 -20.02 -15.39
C LYS B 291 31.17 -20.61 -13.97
N ARG B 292 32.36 -20.81 -13.42
CA ARG B 292 32.54 -21.55 -12.19
C ARG B 292 32.47 -20.62 -10.97
N TYR B 293 33.15 -19.48 -11.07
CA TYR B 293 33.23 -18.52 -9.98
C TYR B 293 32.28 -17.34 -10.26
N LEU B 294 31.48 -16.98 -9.27
CA LEU B 294 30.59 -15.81 -9.39
C LEU B 294 31.21 -14.56 -8.78
N ASP B 295 31.50 -13.56 -9.61
CA ASP B 295 31.99 -12.28 -9.12
C ASP B 295 30.87 -11.53 -8.39
N PHE B 296 31.23 -10.47 -7.66
CA PHE B 296 30.21 -9.65 -7.00
C PHE B 296 29.22 -9.12 -8.01
N GLU B 297 29.72 -8.54 -9.09
CA GLU B 297 28.84 -7.88 -10.05
C GLU B 297 27.87 -8.84 -10.76
N ASP B 298 28.12 -10.13 -10.67
CA ASP B 298 27.24 -11.12 -11.30
C ASP B 298 25.94 -11.36 -10.52
N LEU B 299 25.98 -11.11 -9.21
CA LEU B 299 24.82 -11.29 -8.35
C LEU B 299 23.80 -10.22 -8.65
N GLY B 300 24.28 -8.99 -8.79
CA GLY B 300 23.42 -7.85 -9.05
C GLY B 300 22.50 -8.14 -10.22
N ARG B 301 23.00 -8.89 -11.20
CA ARG B 301 22.27 -9.16 -12.45
C ARG B 301 21.32 -10.36 -12.38
N LEU B 302 21.40 -11.14 -11.29
CA LEU B 302 20.50 -12.28 -11.10
C LEU B 302 19.10 -11.82 -10.63
N GLN B 303 18.49 -10.97 -11.46
CA GLN B 303 17.28 -10.22 -11.12
C GLN B 303 16.11 -11.12 -10.79
N TYR B 304 15.86 -12.12 -11.64
CA TYR B 304 14.74 -13.03 -11.46
C TYR B 304 14.90 -13.96 -10.26
N LEU B 305 16.14 -14.41 -10.04
CA LEU B 305 16.49 -15.17 -8.84
C LEU B 305 16.21 -14.30 -7.59
N SER B 306 16.55 -13.03 -7.68
CA SER B 306 16.33 -12.09 -6.58
C SER B 306 14.83 -12.01 -6.22
N GLN B 307 13.97 -12.04 -7.24
CA GLN B 307 12.52 -12.02 -7.06
C GLN B 307 11.98 -13.29 -6.43
N VAL B 308 12.52 -14.43 -6.87
CA VAL B 308 12.15 -15.74 -6.37
C VAL B 308 12.48 -15.80 -4.88
N LEU B 309 13.60 -15.20 -4.49
CA LEU B 309 14.05 -15.27 -3.12
C LEU B 309 13.18 -14.35 -2.27
N LYS B 310 12.93 -13.13 -2.74
CA LYS B 310 12.01 -12.22 -2.07
C LYS B 310 10.66 -12.88 -1.88
N GLU B 311 10.20 -13.59 -2.91
CA GLU B 311 8.94 -14.26 -2.81
C GLU B 311 8.98 -15.46 -1.88
N SER B 312 10.12 -16.13 -1.79
CA SER B 312 10.29 -17.21 -0.80
C SER B 312 10.19 -16.69 0.62
N LEU B 313 10.77 -15.52 0.86
CA LEU B 313 10.71 -14.90 2.18
C LEU B 313 9.33 -14.31 2.58
N ARG B 314 8.51 -13.95 1.59
CA ARG B 314 7.14 -13.47 1.85
C ARG B 314 6.30 -14.55 2.49
N LEU B 315 6.28 -15.72 1.84
CA LEU B 315 5.49 -16.88 2.28
C LEU B 315 6.14 -17.69 3.36
N TYR B 316 7.47 -17.76 3.35
CA TYR B 316 8.22 -18.54 4.34
C TYR B 316 9.33 -17.72 5.01
N PRO B 317 8.97 -16.73 5.85
CA PRO B 317 9.99 -16.04 6.63
C PRO B 317 10.44 -16.92 7.78
N PRO B 318 11.75 -17.24 7.83
CA PRO B 318 12.31 -18.01 8.94
C PRO B 318 12.07 -17.30 10.25
N ALA B 319 12.33 -16.01 10.24
CA ALA B 319 12.18 -15.22 11.44
C ALA B 319 10.90 -14.43 11.20
N TRP B 320 9.83 -14.86 11.83
CA TRP B 320 8.50 -14.41 11.46
C TRP B 320 8.20 -12.97 11.92
N GLY B 321 8.91 -12.50 12.94
CA GLY B 321 8.61 -11.19 13.44
C GLY B 321 9.44 -10.76 14.62
N THR B 322 8.94 -9.75 15.31
CA THR B 322 9.67 -9.04 16.34
C THR B 322 8.69 -8.41 17.37
N PHE B 323 9.22 -7.94 18.49
CA PHE B 323 8.40 -7.29 19.52
C PHE B 323 8.97 -5.93 19.85
N ARG B 324 8.11 -4.95 20.04
CA ARG B 324 8.54 -3.69 20.60
C ARG B 324 7.76 -3.50 21.91
N LEU B 325 8.35 -2.77 22.85
CA LEU B 325 7.68 -2.47 24.11
C LEU B 325 6.92 -1.20 23.89
N LEU B 326 5.60 -1.26 24.05
CA LEU B 326 4.80 -0.05 24.09
C LEU B 326 4.82 0.41 25.55
N GLU B 327 5.45 1.54 25.82
CA GLU B 327 5.66 1.97 27.21
C GLU B 327 4.46 2.65 27.86
N GLU B 328 3.64 3.32 27.07
CA GLU B 328 2.45 4.01 27.58
C GLU B 328 1.21 3.74 26.73
N GLU B 329 0.05 3.70 27.39
CA GLU B 329 -1.25 3.60 26.72
C GLU B 329 -1.26 4.45 25.45
N THR B 330 -1.71 3.84 24.35
CA THR B 330 -1.67 4.48 23.06
C THR B 330 -2.87 3.99 22.25
N LEU B 331 -3.35 4.81 21.33
CA LEU B 331 -4.45 4.46 20.44
C LEU B 331 -3.83 3.90 19.17
N ILE B 332 -3.97 2.60 18.94
CA ILE B 332 -3.47 2.02 17.70
C ILE B 332 -4.66 1.52 16.90
N ASP B 333 -4.90 2.17 15.76
CA ASP B 333 -6.00 1.81 14.86
C ASP B 333 -7.35 1.78 15.57
N GLY B 334 -7.59 2.81 16.37
CA GLY B 334 -8.86 2.97 17.07
C GLY B 334 -9.07 2.03 18.23
N VAL B 335 -7.97 1.45 18.74
CA VAL B 335 -8.01 0.57 19.91
C VAL B 335 -7.02 1.09 20.95
N ARG B 336 -7.52 1.32 22.16
CA ARG B 336 -6.71 1.68 23.29
C ARG B 336 -5.92 0.46 23.68
N VAL B 337 -4.60 0.62 23.77
CA VAL B 337 -3.72 -0.46 24.19
C VAL B 337 -2.99 -0.02 25.47
N PRO B 338 -3.11 -0.82 26.54
CA PRO B 338 -2.50 -0.50 27.84
C PRO B 338 -0.98 -0.26 27.77
N GLY B 339 -0.46 0.56 28.68
CA GLY B 339 0.97 0.82 28.74
C GLY B 339 1.65 -0.47 29.13
N ASN B 340 2.94 -0.58 28.88
CA ASN B 340 3.69 -1.77 29.27
C ASN B 340 3.21 -3.01 28.50
N THR B 341 2.87 -2.79 27.23
CA THR B 341 2.37 -3.86 26.39
C THR B 341 3.38 -4.25 25.33
N PRO B 342 3.70 -5.55 25.25
CA PRO B 342 4.53 -6.06 24.16
C PRO B 342 3.73 -6.09 22.84
N LEU B 343 4.17 -5.31 21.85
CA LEU B 343 3.56 -5.33 20.54
C LEU B 343 4.19 -6.40 19.65
N LEU B 344 3.36 -7.24 19.03
CA LEU B 344 3.86 -8.29 18.14
C LEU B 344 3.66 -7.87 16.69
N PHE B 345 4.73 -7.97 15.92
CA PHE B 345 4.70 -7.69 14.50
C PHE B 345 5.05 -8.99 13.74
N SER B 346 4.26 -9.32 12.71
CA SER B 346 4.51 -10.54 11.94
C SER B 346 4.49 -10.33 10.44
N THR B 347 5.63 -10.58 9.78
CA THR B 347 5.72 -10.46 8.32
C THR B 347 5.13 -11.72 7.70
N TYR B 348 5.13 -12.79 8.49
CA TYR B 348 4.44 -14.02 8.14
C TYR B 348 2.95 -13.76 7.99
N VAL B 349 2.38 -13.04 8.96
CA VAL B 349 0.92 -12.82 8.92
C VAL B 349 0.54 -11.90 7.77
N MET B 350 1.16 -10.72 7.70
CA MET B 350 0.77 -9.72 6.71
C MET B 350 1.04 -10.22 5.29
N GLY B 351 2.03 -11.08 5.16
CA GLY B 351 2.37 -11.70 3.88
C GLY B 351 1.27 -12.59 3.38
N ARG B 352 0.47 -13.12 4.30
CA ARG B 352 -0.63 -14.02 3.96
C ARG B 352 -2.05 -13.40 3.99
N MET B 353 -2.15 -12.07 4.03
CA MET B 353 -3.43 -11.40 4.07
C MET B 353 -3.81 -10.86 2.68
N ASP B 354 -4.94 -11.34 2.15
CA ASP B 354 -5.36 -10.90 0.79
C ASP B 354 -5.51 -9.39 0.65
N THR B 355 -5.66 -8.70 1.77
CA THR B 355 -5.76 -7.23 1.76
C THR B 355 -4.41 -6.53 1.43
N TYR B 356 -3.28 -7.23 1.61
CA TYR B 356 -1.96 -6.70 1.25
C TYR B 356 -1.37 -7.37 0.03
N PHE B 357 -1.80 -8.60 -0.25
CA PHE B 357 -1.27 -9.37 -1.36
C PHE B 357 -2.37 -10.10 -2.10
N GLU B 358 -2.51 -9.79 -3.38
CA GLU B 358 -3.49 -10.46 -4.21
C GLU B 358 -3.13 -11.94 -4.29
N ASP B 359 -4.10 -12.80 -3.96
CA ASP B 359 -3.97 -14.24 -4.06
C ASP B 359 -2.79 -14.71 -3.19
N PRO B 360 -2.92 -14.55 -1.86
CA PRO B 360 -1.71 -14.54 -1.03
C PRO B 360 -0.96 -15.87 -1.04
N LEU B 361 -1.69 -16.97 -1.21
CA LEU B 361 -1.10 -18.31 -1.15
C LEU B 361 -0.34 -18.77 -2.40
N THR B 362 -0.44 -17.98 -3.47
CA THR B 362 0.22 -18.28 -4.73
C THR B 362 1.64 -17.79 -4.71
N PHE B 363 2.57 -18.70 -5.00
CA PHE B 363 3.98 -18.36 -5.08
C PHE B 363 4.21 -17.70 -6.43
N ASN B 364 4.36 -16.38 -6.42
CA ASN B 364 4.45 -15.60 -7.67
C ASN B 364 5.54 -14.54 -7.60
N PRO B 365 6.74 -14.86 -8.12
CA PRO B 365 7.89 -13.95 -8.09
C PRO B 365 7.70 -12.69 -8.91
N ASP B 366 6.74 -12.72 -9.85
CA ASP B 366 6.36 -11.53 -10.63
C ASP B 366 5.90 -10.34 -9.77
N ARG B 367 5.52 -10.62 -8.51
CA ARG B 367 5.08 -9.56 -7.60
C ARG B 367 6.21 -8.62 -7.30
N PHE B 368 7.44 -9.10 -7.49
CA PHE B 368 8.66 -8.33 -7.18
C PHE B 368 9.36 -7.92 -8.46
N GLY B 369 8.66 -8.08 -9.59
CA GLY B 369 9.19 -7.68 -10.89
C GLY B 369 9.51 -6.20 -10.99
N PRO B 370 10.36 -5.84 -11.99
CA PRO B 370 10.68 -4.43 -12.23
C PRO B 370 9.39 -3.70 -12.61
N GLY B 371 9.16 -2.56 -11.97
CA GLY B 371 7.96 -1.77 -12.25
C GLY B 371 6.90 -1.88 -11.17
N ALA B 372 6.78 -3.07 -10.58
CA ALA B 372 5.83 -3.31 -9.51
C ALA B 372 6.17 -2.49 -8.24
N PRO B 373 5.18 -1.74 -7.72
CA PRO B 373 5.36 -0.97 -6.48
C PRO B 373 5.91 -1.85 -5.35
N LYS B 374 6.92 -1.37 -4.65
CA LYS B 374 7.49 -2.12 -3.55
C LYS B 374 6.44 -2.25 -2.46
N PRO B 375 6.43 -3.37 -1.74
CA PRO B 375 5.45 -3.50 -0.67
C PRO B 375 5.71 -2.41 0.36
N ARG B 376 4.64 -1.85 0.89
CA ARG B 376 4.75 -0.70 1.76
C ARG B 376 4.44 -1.09 3.19
N PHE B 377 5.46 -1.55 3.90
CA PHE B 377 5.38 -1.95 5.32
C PHE B 377 4.53 -3.20 5.56
N THR B 378 4.34 -3.99 4.50
CA THR B 378 3.62 -5.23 4.60
C THR B 378 4.56 -6.44 4.47
N TYR B 379 5.86 -6.17 4.37
CA TYR B 379 6.86 -7.19 4.06
C TYR B 379 8.17 -6.83 4.73
N PHE B 380 8.61 -7.64 5.68
CA PHE B 380 9.88 -7.33 6.39
C PHE B 380 10.57 -8.59 6.89
N PRO B 381 11.00 -9.45 5.97
CA PRO B 381 11.67 -10.70 6.39
C PRO B 381 13.00 -10.51 7.13
N PHE B 382 13.55 -9.31 7.08
CA PHE B 382 14.76 -8.95 7.77
C PHE B 382 14.46 -7.87 8.78
N SER B 383 13.18 -7.64 9.05
CA SER B 383 12.72 -6.60 9.97
C SER B 383 12.98 -5.21 9.39
N LEU B 384 12.75 -4.17 10.19
CA LEU B 384 12.85 -2.78 9.70
C LEU B 384 13.39 -1.81 10.75
N GLY B 385 13.88 -0.65 10.28
CA GLY B 385 14.40 0.37 11.18
C GLY B 385 15.67 -0.10 11.88
N HIS B 386 15.95 0.47 13.04
CA HIS B 386 17.27 0.37 13.63
C HIS B 386 17.62 -1.05 14.06
N ARG B 387 16.62 -1.83 14.44
CA ARG B 387 16.81 -3.19 14.86
C ARG B 387 16.70 -4.27 13.74
N SER B 388 16.67 -3.85 12.47
CA SER B 388 16.73 -4.79 11.33
C SER B 388 18.05 -5.58 11.26
N CYS B 389 18.01 -6.66 10.48
CA CYS B 389 19.09 -7.60 10.38
C CYS B 389 20.39 -6.96 9.91
N ILE B 390 21.40 -6.97 10.76
CA ILE B 390 22.75 -6.52 10.36
C ILE B 390 23.28 -7.35 9.21
N GLY B 391 22.86 -8.61 9.14
CA GLY B 391 23.37 -9.55 8.15
C GLY B 391 22.62 -9.68 6.85
N GLN B 392 21.59 -8.86 6.67
CA GLN B 392 20.80 -8.88 5.45
C GLN B 392 21.65 -9.02 4.17
N GLN B 393 22.47 -8.02 3.86
CA GLN B 393 23.23 -8.05 2.60
C GLN B 393 24.15 -9.27 2.54
N PHE B 394 24.75 -9.64 3.67
CA PHE B 394 25.54 -10.88 3.79
C PHE B 394 24.70 -12.08 3.38
N ALA B 395 23.48 -12.18 3.92
CA ALA B 395 22.59 -13.29 3.67
C ALA B 395 22.22 -13.35 2.19
N GLN B 396 21.79 -12.22 1.65
CA GLN B 396 21.31 -12.17 0.28
C GLN B 396 22.38 -12.58 -0.73
N MET B 397 23.62 -12.22 -0.43
CA MET B 397 24.77 -12.63 -1.23
C MET B 397 24.96 -14.14 -1.18
N GLU B 398 25.11 -14.68 0.03
CA GLU B 398 25.39 -16.11 0.17
C GLU B 398 24.31 -17.00 -0.43
N VAL B 399 23.04 -16.64 -0.24
CA VAL B 399 22.00 -17.49 -0.78
C VAL B 399 21.93 -17.42 -2.28
N LYS B 400 22.17 -16.23 -2.85
CA LYS B 400 22.26 -16.08 -4.32
C LYS B 400 23.37 -16.96 -4.90
N VAL B 401 24.55 -16.93 -4.27
CA VAL B 401 25.67 -17.76 -4.68
C VAL B 401 25.34 -19.24 -4.63
N VAL B 402 24.81 -19.71 -3.50
CA VAL B 402 24.41 -21.10 -3.40
C VAL B 402 23.32 -21.46 -4.41
N MET B 403 22.27 -20.64 -4.48
CA MET B 403 21.15 -20.96 -5.36
C MET B 403 21.55 -20.93 -6.84
N ALA B 404 22.33 -19.93 -7.22
CA ALA B 404 22.86 -19.85 -8.59
C ALA B 404 23.61 -21.14 -8.96
N LYS B 405 24.53 -21.57 -8.08
CA LYS B 405 25.31 -22.78 -8.34
C LYS B 405 24.46 -24.04 -8.55
N LEU B 406 23.44 -24.20 -7.73
CA LEU B 406 22.57 -25.36 -7.79
C LEU B 406 21.75 -25.31 -9.09
N LEU B 407 21.36 -24.11 -9.48
CA LEU B 407 20.56 -23.90 -10.70
C LEU B 407 21.35 -24.16 -11.98
N GLN B 408 22.66 -23.91 -11.93
CA GLN B 408 23.58 -24.22 -13.03
C GLN B 408 23.70 -25.72 -13.36
N ARG B 409 23.69 -26.56 -12.32
CA ARG B 409 24.26 -27.90 -12.40
C ARG B 409 23.33 -29.03 -12.01
N LEU B 410 22.38 -28.76 -11.12
CA LEU B 410 21.53 -29.80 -10.55
C LEU B 410 20.04 -29.60 -10.78
N GLU B 411 19.33 -30.71 -10.99
CA GLU B 411 17.86 -30.73 -10.96
C GLU B 411 17.42 -31.60 -9.78
N PHE B 412 16.38 -31.15 -9.11
CA PHE B 412 15.92 -31.76 -7.87
C PHE B 412 14.53 -32.34 -8.03
N ARG B 413 14.27 -33.42 -7.32
CA ARG B 413 12.95 -34.01 -7.30
C ARG B 413 12.61 -34.39 -5.88
N LEU B 414 11.54 -33.81 -5.35
CA LEU B 414 11.10 -34.10 -4.00
C LEU B 414 10.73 -35.59 -3.90
N VAL B 415 11.17 -36.23 -2.82
CA VAL B 415 10.83 -37.63 -2.59
C VAL B 415 9.34 -37.77 -2.25
N PRO B 416 8.63 -38.67 -2.94
CA PRO B 416 7.20 -38.86 -2.67
C PRO B 416 6.96 -38.95 -1.16
N GLY B 417 5.88 -38.31 -0.71
CA GLY B 417 5.51 -38.37 0.70
C GLY B 417 6.22 -37.35 1.56
N GLN B 418 7.03 -36.51 0.93
CA GLN B 418 7.59 -35.35 1.61
C GLN B 418 6.53 -34.28 1.61
N ARG B 419 6.34 -33.65 2.76
CA ARG B 419 5.31 -32.61 2.91
C ARG B 419 5.84 -31.21 2.61
N PHE B 420 4.94 -30.34 2.21
CA PHE B 420 5.28 -28.94 1.95
C PHE B 420 4.96 -27.99 3.13
N GLY B 421 4.70 -28.54 4.32
CA GLY B 421 4.36 -27.71 5.50
C GLY B 421 5.49 -27.13 6.33
N LEU B 422 5.13 -26.27 7.28
CA LEU B 422 6.08 -25.63 8.17
C LEU B 422 5.96 -26.19 9.58
N GLN B 423 7.02 -26.04 10.36
CA GLN B 423 6.98 -26.28 11.82
C GLN B 423 7.51 -25.00 12.49
N GLU B 424 6.96 -24.62 13.64
CA GLU B 424 7.58 -23.51 14.37
C GLU B 424 8.47 -24.11 15.42
N GLN B 425 9.76 -24.08 15.15
CA GLN B 425 10.74 -24.34 16.18
C GLN B 425 11.12 -22.96 16.72
N ALA B 426 12.42 -22.66 16.82
CA ALA B 426 12.84 -21.30 17.23
C ALA B 426 12.55 -20.33 16.08
N THR B 427 12.68 -20.84 14.86
CA THR B 427 12.30 -20.12 13.66
C THR B 427 11.27 -20.95 12.91
N LEU B 428 10.82 -20.43 11.78
CA LEU B 428 10.01 -21.25 10.89
C LEU B 428 10.91 -22.02 9.95
N LYS B 429 10.70 -23.34 9.88
CA LYS B 429 11.44 -24.19 8.96
C LYS B 429 10.51 -25.26 8.40
N PRO B 430 10.93 -25.95 7.33
CA PRO B 430 10.11 -27.00 6.77
C PRO B 430 9.80 -28.08 7.78
N LEU B 431 8.58 -28.60 7.70
CA LEU B 431 8.11 -29.73 8.52
C LEU B 431 8.99 -30.95 8.25
N ASP B 432 9.11 -31.30 6.96
CA ASP B 432 9.95 -32.41 6.48
C ASP B 432 11.30 -31.93 5.97
N PRO B 433 12.36 -32.76 6.17
CA PRO B 433 13.74 -32.32 5.88
C PRO B 433 14.06 -32.08 4.40
N VAL B 434 13.05 -31.97 3.56
CA VAL B 434 13.27 -31.68 2.14
C VAL B 434 14.16 -32.79 1.52
N LEU B 435 13.67 -34.03 1.58
CA LEU B 435 14.38 -35.16 0.99
C LEU B 435 14.22 -35.17 -0.52
N CYS B 436 15.35 -35.17 -1.23
CA CYS B 436 15.31 -35.18 -2.70
C CYS B 436 16.20 -36.25 -3.34
N THR B 437 15.82 -36.65 -4.55
CA THR B 437 16.75 -37.32 -5.45
C THR B 437 17.22 -36.24 -6.43
N LEU B 438 18.43 -36.38 -6.94
CA LEU B 438 19.03 -35.36 -7.79
C LEU B 438 19.57 -35.93 -9.07
N ARG B 439 19.68 -35.07 -10.07
CA ARG B 439 20.21 -35.39 -11.38
C ARG B 439 21.08 -34.24 -11.83
N PRO B 440 22.10 -34.52 -12.66
CA PRO B 440 22.79 -33.40 -13.31
C PRO B 440 21.84 -32.72 -14.29
N ARG B 441 22.04 -31.42 -14.53
CA ARG B 441 21.15 -30.68 -15.44
C ARG B 441 21.34 -31.06 -16.91
#